data_4KGJ
#
_entry.id   4KGJ
#
_cell.length_a   259.343
_cell.length_b   259.343
_cell.length_c   71.379
_cell.angle_alpha   90.00
_cell.angle_beta   90.00
_cell.angle_gamma   120.00
#
_symmetry.space_group_name_H-M   'H 3'
#
loop_
_entity.id
_entity.type
_entity.pdbx_description
1 polymer Alpha-L-iduronidase
2 branched 2-acetamido-2-deoxy-beta-D-glucopyranose-(1-4)-2-acetamido-2-deoxy-beta-D-glucopyranose
3 branched alpha-D-mannopyranose-(1-3)-[alpha-D-mannopyranose-(1-6)]beta-D-mannopyranose-(1-4)-2-acetamido-2-deoxy-beta-D-glucopyranose-(1-4)-2-acetamido-2-deoxy-beta-D-glucopyranose
4 branched alpha-D-mannopyranose-(1-2)-alpha-D-mannopyranose-(1-6)-[alpha-D-mannopyranose-(1-3)]alpha-D-mannopyranose-(1-6)-[alpha-D-mannopyranose-(1-2)-alpha-D-mannopyranose-(1-3)]beta-D-mannopyranose-(1-4)-2-acetamido-2-deoxy-beta-D-glucopyranose-(1-4)-2-acetamido-2-deoxy-beta-D-glucopyranose
5 non-polymer 2-acetamido-2-deoxy-beta-D-glucopyranose
6 non-polymer GLYCEROL
7 non-polymer '5-fluoro-alpha-L-idopyranosyluronic acid fluoride'
8 non-polymer 'L(+)-TARTARIC ACID'
9 non-polymer 'CHLORIDE ION'
10 water water
#
_entity_poly.entity_id   1
_entity_poly.type   'polypeptide(L)'
_entity_poly.pdbx_seq_one_letter_code
;EAPHLVQVDAARALWPLRRFWRSTGFCPPLPHSQADPYVLSWDQQLNLAYVGAVPHRGIKQVRTHWLLELVTTRGSTGQG
LSYNFTHLDGYLDLLRENQLLPGFELMGSASGHFTDFEDKQQVFEWKDLVSSLARRYIGRYGLAHVSKWNFETWNEPDHH
DFDNVSMTMQGFLNYYDACSEGLRAASPALRLGGPGDSFHTPPRSPLSWGLLRHCHDGTNFFTGEAGVRLDYISLHRKGA
RSSISILEQEKVVAQQIRQLFPKFADTPIYNDEADPLVGWSLPQPWRADVTYAAMVVKVIAQHQNLLLANTTSAFPYALL
SNDNAFLSYHPHPFAQRTLTARFQVNNTRPPHVQLLRKPVLTAMGLLALLDEEQLWAEVSQAGTVLDSNHTVGVLASAHR
PQGPADAWRAAVLIYASDDTRAHPNRSVAVTLRLRGVPPGPGLVYVTRYLDNGLCSPDGEWRRLGRPVFPTAEQFRRMRA
AEDPVAAAPRPLPAGGRLTLRPALRLPSLLLVHVCARPEKPPGQVTRLRALPLTQGQLVLVWSDEHVGSKCLWTYEIQFS
QDGKAYTPVSRKPSTFNLFVFSPDTGAVSGSYRVRALDYWARPGPFSDPVPYLEVPVPRGPPSPGNP
;
_entity_poly.pdbx_strand_id   A,B
#
# COMPACT_ATOMS: atom_id res chain seq x y z
N ALA A 2 -27.40 13.40 24.21
CA ALA A 2 -28.21 14.62 23.95
C ALA A 2 -27.51 15.56 22.95
N PRO A 3 -28.27 16.08 21.95
CA PRO A 3 -27.65 16.76 20.80
C PRO A 3 -26.89 18.04 21.15
N HIS A 4 -26.01 18.47 20.25
CA HIS A 4 -25.37 19.77 20.34
C HIS A 4 -26.27 20.79 19.67
N LEU A 5 -26.43 21.94 20.31
CA LEU A 5 -27.28 23.00 19.78
C LEU A 5 -26.42 24.19 19.32
N VAL A 6 -26.50 24.50 18.03
CA VAL A 6 -25.77 25.63 17.45
C VAL A 6 -26.74 26.72 17.04
N GLN A 7 -26.57 27.90 17.62
CA GLN A 7 -27.45 29.02 17.35
C GLN A 7 -26.69 30.16 16.69
N VAL A 8 -27.25 30.67 15.61
CA VAL A 8 -26.68 31.82 14.92
C VAL A 8 -27.72 32.94 14.81
N ASP A 9 -27.32 34.14 15.20
CA ASP A 9 -28.12 35.35 15.05
C ASP A 9 -27.53 36.22 13.95
N ALA A 10 -28.17 36.21 12.78
CA ALA A 10 -27.68 36.96 11.61
C ALA A 10 -27.90 38.46 11.73
N ALA A 11 -28.78 38.86 12.67
CA ALA A 11 -29.03 40.26 12.96
C ALA A 11 -27.91 40.85 13.83
N ARG A 12 -27.34 40.00 14.68
CA ARG A 12 -26.27 40.39 15.64
C ARG A 12 -24.87 40.30 15.04
N ALA A 13 -24.56 41.20 14.11
CA ALA A 13 -23.22 41.35 13.59
C ALA A 13 -22.39 42.05 14.66
N LEU A 14 -21.51 41.30 15.33
CA LEU A 14 -20.74 41.83 16.45
C LEU A 14 -19.54 42.67 16.02
N TRP A 15 -18.35 42.13 16.22
CA TRP A 15 -17.09 42.77 15.84
C TRP A 15 -16.73 42.45 14.39
N PRO A 16 -15.66 43.05 13.84
CA PRO A 16 -15.19 42.56 12.54
C PRO A 16 -14.54 41.19 12.67
N LEU A 17 -14.62 40.40 11.60
CA LEU A 17 -13.90 39.13 11.51
C LEU A 17 -12.85 39.24 10.41
N ARG A 18 -11.61 38.92 10.78
CA ARG A 18 -10.48 39.02 9.85
C ARG A 18 -9.94 37.65 9.44
N ARG A 19 -9.59 37.52 8.17
CA ARG A 19 -9.11 36.26 7.63
C ARG A 19 -7.60 36.11 7.85
N PHE A 20 -7.24 35.85 9.11
CA PHE A 20 -5.86 35.91 9.57
C PHE A 20 -5.04 34.65 9.31
N TRP A 21 -5.67 33.65 8.71
CA TRP A 21 -5.07 32.32 8.56
C TRP A 21 -4.69 32.00 7.11
N ARG A 22 -4.60 33.03 6.27
CA ARG A 22 -4.41 32.83 4.83
C ARG A 22 -2.94 32.67 4.44
N SER A 23 -2.24 31.76 5.10
CA SER A 23 -0.81 31.57 4.88
C SER A 23 -0.36 30.10 4.98
N THR A 24 0.66 29.77 4.19
CA THR A 24 1.31 28.47 4.28
C THR A 24 2.83 28.66 4.22
N GLY A 25 3.57 27.56 4.24
CA GLY A 25 5.02 27.65 4.13
C GLY A 25 5.74 26.32 4.07
N PHE A 26 6.99 26.36 3.61
CA PHE A 26 7.80 25.15 3.52
C PHE A 26 9.30 25.46 3.58
N CYS A 27 10.10 24.40 3.63
CA CYS A 27 11.54 24.48 3.57
C CYS A 27 12.03 23.60 2.41
N PRO A 28 12.75 24.20 1.44
CA PRO A 28 13.45 23.41 0.42
C PRO A 28 14.43 22.41 1.04
N PRO A 29 14.80 21.35 0.29
CA PRO A 29 15.77 20.38 0.81
C PRO A 29 17.21 20.72 0.43
N TYR A 38 14.94 22.76 -6.90
CA TYR A 38 13.71 22.20 -6.33
C TYR A 38 12.52 23.16 -6.44
N VAL A 39 12.73 24.42 -6.04
CA VAL A 39 11.66 25.42 -6.01
C VAL A 39 11.15 25.83 -7.40
N LEU A 40 11.93 25.51 -8.43
CA LEU A 40 11.60 25.82 -9.81
C LEU A 40 11.16 24.61 -10.64
N SER A 41 11.29 23.41 -10.06
CA SER A 41 10.88 22.15 -10.68
C SER A 41 9.38 22.12 -11.02
N TRP A 42 8.98 21.16 -11.84
CA TRP A 42 7.58 21.02 -12.25
C TRP A 42 6.68 20.63 -11.08
N ASP A 43 7.23 19.84 -10.16
CA ASP A 43 6.55 19.43 -8.94
C ASP A 43 5.99 20.66 -8.22
N GLN A 44 6.85 21.65 -8.01
CA GLN A 44 6.50 22.85 -7.25
C GLN A 44 5.54 23.75 -8.01
N GLN A 45 5.68 23.84 -9.32
CA GLN A 45 4.79 24.66 -10.12
C GLN A 45 3.34 24.20 -10.05
N LEU A 46 3.14 22.88 -10.02
CA LEU A 46 1.82 22.33 -9.80
C LEU A 46 1.38 22.60 -8.36
N ASN A 47 2.29 22.34 -7.42
CA ASN A 47 1.99 22.52 -6.00
C ASN A 47 1.45 23.92 -5.69
N LEU A 48 2.16 24.93 -6.17
CA LEU A 48 1.75 26.32 -5.94
C LEU A 48 0.57 26.71 -6.80
N ALA A 49 0.31 25.99 -7.89
CA ALA A 49 -0.93 26.25 -8.64
C ALA A 49 -2.12 25.82 -7.78
N TYR A 50 -1.98 24.66 -7.16
CA TYR A 50 -2.99 24.12 -6.25
C TYR A 50 -3.20 25.06 -5.08
N VAL A 51 -2.11 25.56 -4.50
CA VAL A 51 -2.16 26.48 -3.34
C VAL A 51 -2.86 27.79 -3.70
N GLY A 52 -2.45 28.39 -4.82
CA GLY A 52 -3.06 29.63 -5.30
C GLY A 52 -4.46 29.43 -5.85
N ALA A 53 -4.89 28.18 -5.96
CA ALA A 53 -6.22 27.87 -6.50
C ALA A 53 -7.33 27.88 -5.45
N VAL A 54 -6.96 27.91 -4.18
CA VAL A 54 -7.93 28.03 -3.09
C VAL A 54 -8.79 29.27 -3.33
N PRO A 55 -10.10 29.09 -3.53
CA PRO A 55 -11.00 30.18 -3.93
C PRO A 55 -10.95 31.42 -3.04
N HIS A 56 -11.16 32.59 -3.67
CA HIS A 56 -11.32 33.88 -2.97
C HIS A 56 -10.10 34.28 -2.15
N ARG A 57 -8.92 34.08 -2.76
CA ARG A 57 -7.63 34.35 -2.13
C ARG A 57 -7.45 33.58 -0.81
N GLY A 58 -8.02 32.37 -0.75
CA GLY A 58 -8.02 31.55 0.45
C GLY A 58 -6.66 31.33 1.11
N ILE A 59 -5.61 31.20 0.28
CA ILE A 59 -4.22 31.26 0.75
C ILE A 59 -3.52 32.39 0.01
N LYS A 60 -2.70 33.15 0.72
CA LYS A 60 -2.17 34.40 0.21
C LYS A 60 -0.65 34.47 0.27
N GLN A 61 -0.06 33.84 1.29
CA GLN A 61 1.35 33.97 1.58
C GLN A 61 2.02 32.61 1.64
N VAL A 62 3.17 32.48 0.98
CA VAL A 62 3.99 31.26 1.10
C VAL A 62 5.32 31.59 1.80
N ARG A 63 5.37 31.36 3.11
CA ARG A 63 6.59 31.63 3.88
C ARG A 63 7.68 30.64 3.48
N THR A 64 8.71 31.15 2.82
CA THR A 64 9.71 30.28 2.18
C THR A 64 11.13 30.41 2.77
N HIS A 65 11.64 29.30 3.29
CA HIS A 65 13.01 29.25 3.84
C HIS A 65 14.03 29.35 2.72
N TRP A 66 15.24 29.76 3.11
CA TRP A 66 16.43 29.79 2.23
C TRP A 66 16.33 30.57 0.91
N LEU A 67 15.41 31.55 0.85
CA LEU A 67 15.23 32.38 -0.34
C LEU A 67 16.53 33.04 -0.84
N LEU A 68 17.44 33.37 0.08
CA LEU A 68 18.69 34.02 -0.32
C LEU A 68 19.78 33.02 -0.63
N GLU A 69 19.38 31.78 -0.92
CA GLU A 69 20.26 30.81 -1.52
C GLU A 69 19.96 30.78 -3.00
N LEU A 70 18.83 31.39 -3.37
CA LEU A 70 18.46 31.55 -4.77
C LEU A 70 19.15 32.76 -5.41
N VAL A 71 20.16 33.29 -4.73
CA VAL A 71 20.95 34.40 -5.24
C VAL A 71 22.44 34.03 -5.17
N THR A 72 23.13 34.22 -6.29
CA THR A 72 24.54 33.84 -6.41
C THR A 72 25.46 35.06 -6.53
N THR A 73 26.76 34.84 -6.33
CA THR A 73 27.76 35.91 -6.36
C THR A 73 29.00 35.58 -7.19
N LEU A 81 31.69 43.78 -6.56
CA LEU A 81 30.80 42.73 -6.08
C LEU A 81 29.37 42.94 -6.59
N SER A 82 28.80 41.91 -7.21
CA SER A 82 27.45 41.96 -7.77
C SER A 82 26.70 40.63 -7.62
N TYR A 83 25.41 40.62 -7.94
CA TYR A 83 24.56 39.45 -7.67
C TYR A 83 23.78 38.95 -8.89
N ASN A 84 23.57 37.64 -8.98
CA ASN A 84 22.69 37.05 -10.00
C ASN A 84 21.36 36.65 -9.35
N PHE A 85 20.31 37.39 -9.67
CA PHE A 85 18.99 37.19 -9.07
C PHE A 85 18.08 36.28 -9.89
N THR A 86 18.67 35.54 -10.83
CA THR A 86 17.90 34.74 -11.79
C THR A 86 16.98 33.71 -11.12
N HIS A 87 17.54 32.91 -10.21
CA HIS A 87 16.75 31.89 -9.53
C HIS A 87 15.65 32.49 -8.66
N LEU A 88 15.99 33.51 -7.88
CA LEU A 88 15.02 34.21 -7.05
C LEU A 88 13.88 34.79 -7.89
N ASP A 89 14.23 35.42 -9.02
CA ASP A 89 13.25 35.97 -9.96
C ASP A 89 12.25 34.91 -10.38
N GLY A 90 12.77 33.70 -10.62
CA GLY A 90 11.97 32.58 -11.10
C GLY A 90 10.90 32.18 -10.10
N TYR A 91 11.32 31.99 -8.86
CA TYR A 91 10.42 31.61 -7.78
C TYR A 91 9.37 32.69 -7.49
N LEU A 92 9.81 33.94 -7.43
CA LEU A 92 8.92 35.06 -7.16
C LEU A 92 7.88 35.28 -8.26
N ASP A 93 8.28 35.08 -9.52
CA ASP A 93 7.34 35.15 -10.64
C ASP A 93 6.33 34.00 -10.62
N LEU A 94 6.81 32.84 -10.15
CA LEU A 94 5.95 31.67 -9.95
C LEU A 94 4.94 31.94 -8.84
N LEU A 95 5.38 32.56 -7.75
CA LEU A 95 4.47 33.01 -6.70
C LEU A 95 3.46 34.02 -7.24
N ARG A 96 3.99 34.98 -8.01
CA ARG A 96 3.22 36.07 -8.60
C ARG A 96 2.12 35.60 -9.56
N GLU A 97 2.46 34.67 -10.45
CA GLU A 97 1.50 34.16 -11.43
C GLU A 97 0.38 33.36 -10.76
N ASN A 98 0.66 32.89 -9.55
CA ASN A 98 -0.31 32.14 -8.76
C ASN A 98 -1.01 32.99 -7.71
N GLN A 99 -0.94 34.31 -7.89
CA GLN A 99 -1.60 35.26 -6.99
C GLN A 99 -1.20 35.04 -5.54
N LEU A 100 0.10 34.86 -5.33
CA LEU A 100 0.65 34.66 -4.00
C LEU A 100 1.70 35.73 -3.70
N LEU A 101 2.07 35.83 -2.43
CA LEU A 101 3.13 36.72 -1.97
C LEU A 101 4.11 35.89 -1.16
N PRO A 102 5.42 36.19 -1.29
CA PRO A 102 6.38 35.47 -0.47
C PRO A 102 6.25 35.86 0.99
N GLY A 103 6.47 34.89 1.87
CA GLY A 103 6.78 35.19 3.27
C GLY A 103 8.29 35.33 3.23
N PHE A 104 8.74 36.52 2.86
CA PHE A 104 10.14 36.73 2.50
C PHE A 104 11.08 36.72 3.70
N GLU A 105 11.53 35.53 4.08
CA GLU A 105 12.51 35.41 5.15
C GLU A 105 13.88 35.73 4.58
N LEU A 106 14.50 36.76 5.15
CA LEU A 106 15.81 37.22 4.70
C LEU A 106 16.92 36.25 5.16
N MET A 107 16.90 35.06 4.56
CA MET A 107 17.57 33.89 5.10
C MET A 107 18.39 33.19 4.01
N GLY A 108 19.70 33.20 4.15
CA GLY A 108 20.58 32.62 3.15
C GLY A 108 21.98 33.18 3.27
N SER A 109 22.87 32.73 2.40
CA SER A 109 24.28 33.13 2.45
C SER A 109 24.73 33.78 1.16
N ALA A 110 23.78 34.04 0.26
CA ALA A 110 24.06 34.41 -1.13
C ALA A 110 25.16 33.52 -1.70
N SER A 111 24.85 32.23 -1.79
CA SER A 111 25.74 31.20 -2.31
C SER A 111 27.10 31.18 -1.64
N GLY A 112 27.12 31.31 -0.31
CA GLY A 112 28.33 31.12 0.46
C GLY A 112 29.22 32.33 0.65
N HIS A 113 28.78 33.49 0.18
CA HIS A 113 29.56 34.72 0.37
C HIS A 113 29.57 35.21 1.82
N PHE A 114 28.37 35.44 2.36
CA PHE A 114 28.21 35.88 3.75
C PHE A 114 28.55 34.75 4.72
N THR A 115 29.41 35.04 5.68
CA THR A 115 29.92 34.02 6.59
C THR A 115 29.94 34.44 8.06
N ASP A 116 30.06 35.74 8.30
CA ASP A 116 30.15 36.29 9.67
C ASP A 116 29.39 37.61 9.73
N PHE A 117 28.50 37.75 10.72
CA PHE A 117 27.77 39.02 10.88
C PHE A 117 28.33 39.90 12.01
N GLU A 118 29.47 39.51 12.56
CA GLU A 118 30.25 40.40 13.41
C GLU A 118 31.34 41.04 12.59
N ASP A 119 31.48 40.56 11.35
CA ASP A 119 32.34 41.16 10.35
C ASP A 119 31.70 42.47 9.89
N LYS A 120 32.22 43.58 10.40
CA LYS A 120 31.75 44.92 10.08
C LYS A 120 31.49 45.12 8.58
N GLN A 121 32.41 44.63 7.74
CA GLN A 121 32.33 44.75 6.29
C GLN A 121 31.18 43.98 5.67
N GLN A 122 30.83 42.85 6.28
CA GLN A 122 29.75 42.00 5.80
C GLN A 122 28.39 42.59 6.19
N VAL A 123 28.35 43.29 7.31
CA VAL A 123 27.10 43.93 7.76
C VAL A 123 26.66 45.01 6.76
N PHE A 124 27.64 45.75 6.21
CA PHE A 124 27.36 46.73 5.19
C PHE A 124 26.94 46.09 3.86
N GLU A 125 27.58 44.97 3.53
CA GLU A 125 27.26 44.21 2.33
C GLU A 125 25.82 43.72 2.33
N TRP A 126 25.41 43.17 3.47
CA TRP A 126 24.05 42.68 3.67
C TRP A 126 23.01 43.78 3.51
N LYS A 127 23.27 44.95 4.08
CA LYS A 127 22.38 46.11 3.95
C LYS A 127 22.18 46.44 2.48
N ASP A 128 23.28 46.46 1.71
CA ASP A 128 23.25 46.77 0.29
C ASP A 128 22.53 45.70 -0.53
N LEU A 129 22.67 44.44 -0.11
CA LEU A 129 21.97 43.33 -0.76
C LEU A 129 20.45 43.44 -0.60
N VAL A 130 20.01 43.70 0.63
CA VAL A 130 18.58 43.78 0.93
C VAL A 130 17.95 44.95 0.18
N SER A 131 18.64 46.09 0.16
CA SER A 131 18.24 47.25 -0.62
C SER A 131 18.17 46.92 -2.10
N SER A 132 19.21 46.21 -2.59
CA SER A 132 19.27 45.77 -3.98
C SER A 132 18.01 45.03 -4.41
N LEU A 133 17.69 43.96 -3.70
CA LEU A 133 16.56 43.13 -4.10
C LEU A 133 15.23 43.84 -3.91
N ALA A 134 15.07 44.53 -2.78
CA ALA A 134 13.81 45.18 -2.49
C ALA A 134 13.46 46.14 -3.63
N ARG A 135 14.43 46.96 -4.01
CA ARG A 135 14.26 47.89 -5.13
C ARG A 135 14.00 47.17 -6.46
N ARG A 136 14.78 46.11 -6.71
CA ARG A 136 14.58 45.25 -7.88
C ARG A 136 13.11 44.83 -8.02
N TYR A 137 12.56 44.29 -6.92
CA TYR A 137 11.21 43.73 -6.95
C TYR A 137 10.13 44.78 -6.79
N ILE A 138 10.50 45.95 -6.25
CA ILE A 138 9.65 47.14 -6.35
C ILE A 138 9.53 47.49 -7.83
N GLY A 139 10.67 47.50 -8.53
CA GLY A 139 10.69 47.72 -9.97
C GLY A 139 9.91 46.67 -10.71
N ARG A 140 10.05 45.42 -10.28
CA ARG A 140 9.45 44.28 -10.97
C ARG A 140 7.94 44.19 -10.75
N TYR A 141 7.47 44.37 -9.52
CA TYR A 141 6.06 44.14 -9.21
C TYR A 141 5.24 45.37 -8.82
N GLY A 142 5.90 46.48 -8.53
CA GLY A 142 5.22 47.72 -8.11
C GLY A 142 5.11 47.82 -6.59
N LEU A 143 5.57 48.93 -6.04
CA LEU A 143 5.63 49.16 -4.58
C LEU A 143 4.35 48.80 -3.84
N ALA A 144 3.20 49.07 -4.47
CA ALA A 144 1.90 48.66 -3.94
C ALA A 144 1.92 47.19 -3.48
N HIS A 145 2.29 46.30 -4.40
CA HIS A 145 2.40 44.86 -4.13
C HIS A 145 3.48 44.52 -3.09
N VAL A 146 4.70 45.01 -3.28
CA VAL A 146 5.83 44.64 -2.42
C VAL A 146 5.71 45.11 -0.97
N SER A 147 4.91 46.16 -0.74
CA SER A 147 4.62 46.61 0.61
C SER A 147 3.74 45.63 1.38
N LYS A 148 2.93 44.86 0.67
CA LYS A 148 2.09 43.82 1.29
C LYS A 148 2.92 42.63 1.79
N TRP A 149 4.16 42.50 1.32
CA TRP A 149 5.06 41.43 1.72
C TRP A 149 5.48 41.49 3.19
N ASN A 150 5.47 40.34 3.85
CA ASN A 150 6.03 40.21 5.19
C ASN A 150 7.51 39.81 5.16
N PHE A 151 8.38 40.80 5.00
CA PHE A 151 9.81 40.55 5.16
C PHE A 151 10.13 40.10 6.57
N GLU A 152 10.94 39.06 6.70
CA GLU A 152 11.16 38.46 8.00
C GLU A 152 12.62 38.09 8.23
N THR A 153 12.99 37.89 9.49
CA THR A 153 14.34 37.47 9.81
C THR A 153 14.54 35.99 9.54
N TRP A 154 15.81 35.58 9.46
CA TRP A 154 16.25 34.20 9.40
C TRP A 154 15.34 33.33 10.28
N ASN A 155 14.89 32.19 9.75
CA ASN A 155 13.99 31.32 10.52
C ASN A 155 14.63 30.69 11.75
N GLU A 156 13.88 30.70 12.84
CA GLU A 156 14.30 30.17 14.13
C GLU A 156 15.78 30.42 14.44
N PRO A 157 16.14 31.66 14.80
CA PRO A 157 17.52 32.03 15.11
C PRO A 157 18.14 31.24 16.27
N ASP A 158 17.30 30.79 17.19
CA ASP A 158 17.77 30.05 18.36
C ASP A 158 17.91 28.55 18.11
N HIS A 159 17.61 28.11 16.89
CA HIS A 159 17.72 26.69 16.52
C HIS A 159 18.96 26.38 15.69
N HIS A 160 19.81 27.39 15.47
CA HIS A 160 21.18 27.23 14.92
C HIS A 160 21.28 26.68 13.50
N ASP A 161 20.26 26.88 12.69
CA ASP A 161 20.30 26.43 11.29
C ASP A 161 20.85 27.52 10.37
N PHE A 162 22.09 27.90 10.62
CA PHE A 162 22.74 28.98 9.88
C PHE A 162 23.72 28.48 8.84
N ASP A 163 23.98 27.17 8.87
CA ASP A 163 25.01 26.52 8.04
C ASP A 163 26.38 27.10 8.38
N ASN A 164 27.12 27.51 7.34
CA ASN A 164 28.45 28.07 7.52
C ASN A 164 28.45 29.52 8.02
N VAL A 165 27.27 30.15 8.00
CA VAL A 165 27.14 31.53 8.49
C VAL A 165 27.22 31.54 10.01
N SER A 166 28.14 32.34 10.53
CA SER A 166 28.31 32.51 11.96
C SER A 166 27.35 33.59 12.43
N MET A 167 26.53 33.26 13.41
CA MET A 167 25.55 34.19 13.94
C MET A 167 25.58 34.20 15.47
N THR A 168 26.33 35.13 16.05
CA THR A 168 26.35 35.27 17.50
C THR A 168 25.21 36.19 17.90
N MET A 169 25.05 36.43 19.20
CA MET A 169 24.00 37.33 19.68
C MET A 169 24.17 38.71 19.04
N GLN A 170 25.38 39.26 19.17
CA GLN A 170 25.69 40.55 18.56
C GLN A 170 25.54 40.49 17.04
N GLY A 171 25.99 39.39 16.46
CA GLY A 171 25.88 39.18 15.02
C GLY A 171 24.44 39.25 14.55
N PHE A 172 23.54 38.66 15.34
CA PHE A 172 22.13 38.61 14.98
C PHE A 172 21.51 40.01 14.97
N LEU A 173 22.02 40.88 15.84
CA LEU A 173 21.52 42.26 15.93
C LEU A 173 22.02 43.12 14.79
N ASN A 174 23.29 42.97 14.42
CA ASN A 174 23.83 43.66 13.25
C ASN A 174 23.08 43.22 12.00
N TYR A 175 22.91 41.90 11.88
CA TYR A 175 22.08 41.30 10.84
C TYR A 175 20.73 42.00 10.75
N TYR A 176 20.03 42.09 11.89
CA TYR A 176 18.70 42.69 11.91
C TYR A 176 18.71 44.14 11.43
N ASP A 177 19.60 44.94 12.03
CA ASP A 177 19.72 46.37 11.69
C ASP A 177 19.97 46.59 10.20
N ALA A 178 20.79 45.71 9.61
CA ALA A 178 21.09 45.76 8.18
C ALA A 178 19.87 45.36 7.35
N CYS A 179 19.13 44.36 7.83
CA CYS A 179 17.86 43.99 7.22
C CYS A 179 16.92 45.19 7.23
N SER A 180 16.80 45.83 8.40
CA SER A 180 15.88 46.95 8.59
C SER A 180 16.25 48.21 7.81
N GLU A 181 17.52 48.59 7.87
CA GLU A 181 18.01 49.78 7.18
C GLU A 181 18.02 49.58 5.67
N GLY A 182 18.40 48.37 5.26
CA GLY A 182 18.37 47.97 3.85
C GLY A 182 16.99 48.09 3.27
N LEU A 183 16.00 47.55 3.98
CA LEU A 183 14.61 47.65 3.52
C LEU A 183 14.13 49.09 3.48
N ARG A 184 14.51 49.89 4.48
CA ARG A 184 14.11 51.30 4.52
C ARG A 184 14.70 52.02 3.33
N ALA A 185 15.94 51.67 2.99
CA ALA A 185 16.63 52.24 1.85
C ALA A 185 15.85 52.05 0.55
N ALA A 186 15.16 50.92 0.44
CA ALA A 186 14.31 50.67 -0.71
C ALA A 186 13.03 51.51 -0.61
N SER A 187 12.34 51.38 0.51
CA SER A 187 11.19 52.21 0.83
C SER A 187 10.81 52.08 2.30
N PRO A 188 10.44 53.20 2.93
CA PRO A 188 9.93 53.18 4.31
C PRO A 188 8.64 52.35 4.45
N ALA A 189 7.92 52.15 3.34
CA ALA A 189 6.63 51.45 3.36
C ALA A 189 6.76 49.92 3.53
N LEU A 190 8.00 49.43 3.57
CA LEU A 190 8.25 48.00 3.64
C LEU A 190 8.24 47.50 5.08
N ARG A 191 7.61 46.34 5.26
CA ARG A 191 7.28 45.80 6.56
C ARG A 191 8.23 44.67 6.95
N LEU A 192 8.87 44.78 8.12
CA LEU A 192 9.79 43.73 8.59
C LEU A 192 9.51 43.32 10.04
N GLY A 193 9.49 42.02 10.30
CA GLY A 193 9.29 41.49 11.64
C GLY A 193 10.15 40.27 11.92
N GLY A 194 10.00 39.70 13.11
CA GLY A 194 10.79 38.56 13.57
C GLY A 194 10.48 38.25 15.03
N PRO A 195 11.28 37.40 15.68
CA PRO A 195 12.41 36.64 15.14
C PRO A 195 11.95 35.37 14.44
N GLY A 196 10.73 34.94 14.70
CA GLY A 196 10.23 33.68 14.17
C GLY A 196 10.78 32.48 14.92
N ASP A 197 10.77 32.56 16.25
CA ASP A 197 11.19 31.47 17.11
C ASP A 197 10.13 31.22 18.18
N SER A 198 10.40 30.27 19.09
CA SER A 198 9.40 29.77 20.03
C SER A 198 9.21 30.61 21.30
N PHE A 199 10.26 31.30 21.75
CA PHE A 199 10.21 32.18 22.94
C PHE A 199 10.01 31.41 24.26
N HIS A 200 10.94 30.52 24.55
CA HIS A 200 10.91 29.77 25.80
C HIS A 200 11.38 30.69 26.93
N THR A 201 11.18 30.25 28.17
CA THR A 201 11.60 31.02 29.35
C THR A 201 13.13 31.18 29.38
N PRO A 202 13.61 32.41 29.63
CA PRO A 202 15.05 32.63 29.80
C PRO A 202 15.62 31.73 30.90
N PRO A 203 16.90 31.31 30.79
CA PRO A 203 17.98 31.64 29.83
C PRO A 203 17.79 31.16 28.40
N ARG A 204 16.70 30.44 28.14
CA ARG A 204 16.43 29.92 26.80
C ARG A 204 16.00 31.03 25.85
N SER A 205 16.12 30.75 24.55
CA SER A 205 15.76 31.67 23.46
C SER A 205 16.55 33.01 23.45
N PRO A 206 17.86 32.98 23.81
CA PRO A 206 18.65 34.21 23.95
C PRO A 206 18.51 35.22 22.80
N LEU A 207 18.43 34.73 21.57
CA LEU A 207 18.41 35.62 20.41
C LEU A 207 17.04 36.24 20.17
N SER A 208 15.99 35.49 20.43
CA SER A 208 14.63 36.00 20.34
C SER A 208 14.40 37.12 21.37
N TRP A 209 14.77 36.85 22.61
CA TRP A 209 14.63 37.85 23.67
C TRP A 209 15.60 39.01 23.46
N GLY A 210 16.80 38.68 22.99
CA GLY A 210 17.82 39.68 22.70
C GLY A 210 17.38 40.65 21.62
N LEU A 211 16.64 40.15 20.62
CA LEU A 211 16.18 40.98 19.51
C LEU A 211 15.23 42.07 20.00
N LEU A 212 14.24 41.65 20.77
CA LEU A 212 13.26 42.59 21.31
C LEU A 212 13.91 43.65 22.19
N ARG A 213 14.82 43.24 23.08
CA ARG A 213 15.56 44.18 23.93
C ARG A 213 16.22 45.19 23.05
N HIS A 214 16.84 44.70 21.97
CA HIS A 214 17.59 45.56 21.05
C HIS A 214 16.67 46.54 20.35
N CYS A 215 15.57 46.05 19.80
CA CYS A 215 14.61 46.92 19.12
C CYS A 215 13.96 47.91 20.08
N HIS A 216 13.72 47.47 21.32
CA HIS A 216 13.04 48.29 22.31
C HIS A 216 13.97 49.35 22.89
N ASP A 217 15.23 48.98 23.08
CA ASP A 217 16.16 49.79 23.86
C ASP A 217 17.57 49.92 23.27
N GLY A 218 17.93 49.06 22.32
CA GLY A 218 19.27 49.07 21.73
C GLY A 218 19.55 50.24 20.81
N THR A 219 20.77 50.30 20.30
CA THR A 219 21.16 51.33 19.32
C THR A 219 21.39 50.74 17.93
N ASN A 220 20.81 51.39 16.93
CA ASN A 220 20.92 51.02 15.52
C ASN A 220 22.37 50.98 15.05
N PHE A 221 22.84 49.78 14.66
CA PHE A 221 24.19 49.57 14.12
C PHE A 221 24.60 50.66 13.12
N PHE A 222 23.65 51.15 12.35
CA PHE A 222 23.93 52.14 11.31
C PHE A 222 23.72 53.59 11.73
N THR A 223 22.61 53.88 12.39
CA THR A 223 22.21 55.26 12.65
C THR A 223 22.59 55.75 14.03
N GLY A 224 22.90 54.82 14.92
CA GLY A 224 23.24 55.14 16.30
C GLY A 224 22.08 55.60 17.17
N GLU A 225 20.87 55.63 16.60
CA GLU A 225 19.68 56.06 17.34
C GLU A 225 19.13 54.94 18.20
N ALA A 226 18.42 55.31 19.26
CA ALA A 226 17.91 54.34 20.22
C ALA A 226 16.55 53.78 19.80
N GLY A 227 16.47 52.46 19.74
CA GLY A 227 15.27 51.78 19.29
C GLY A 227 15.30 51.52 17.81
N VAL A 228 14.87 50.32 17.40
CA VAL A 228 14.91 49.93 16.00
C VAL A 228 13.55 49.38 15.60
N ARG A 229 13.09 49.79 14.42
CA ARG A 229 11.82 49.36 13.85
C ARG A 229 11.57 47.85 14.01
N LEU A 230 10.35 47.50 14.39
CA LEU A 230 9.87 46.13 14.42
C LEU A 230 8.35 46.12 14.24
N ASP A 231 7.91 45.83 13.01
CA ASP A 231 6.49 45.99 12.63
C ASP A 231 5.59 44.84 13.09
N TYR A 232 6.20 43.70 13.40
CA TYR A 232 5.49 42.55 13.99
C TYR A 232 6.45 41.61 14.72
N ILE A 233 5.93 40.93 15.75
CA ILE A 233 6.68 39.91 16.46
C ILE A 233 6.12 38.57 16.03
N SER A 234 6.96 37.75 15.40
CA SER A 234 6.55 36.45 14.92
C SER A 234 7.12 35.38 15.81
N LEU A 235 6.30 34.40 16.16
CA LEU A 235 6.74 33.27 16.95
C LEU A 235 6.31 31.95 16.29
N HIS A 236 6.93 30.85 16.73
CA HIS A 236 6.46 29.51 16.39
C HIS A 236 6.04 28.80 17.67
N ARG A 237 4.77 28.42 17.74
CA ARG A 237 4.29 27.53 18.80
C ARG A 237 3.39 26.46 18.20
N LYS A 238 3.81 25.20 18.37
CA LYS A 238 3.09 24.05 17.82
C LYS A 238 2.35 23.29 18.92
N GLY A 239 1.36 22.49 18.53
CA GLY A 239 0.40 21.93 19.49
C GLY A 239 0.73 20.68 20.28
N ALA A 240 1.73 19.92 19.81
CA ALA A 240 2.04 18.58 20.34
C ALA A 240 0.77 17.71 20.38
N ARG A 241 0.02 17.75 19.29
CA ARG A 241 -1.24 16.99 19.07
C ARG A 241 -2.50 17.60 19.69
N SER A 242 -2.31 18.63 20.51
CA SER A 242 -3.43 19.35 21.16
C SER A 242 -3.68 20.70 20.50
N SER A 243 -4.93 20.97 20.14
CA SER A 243 -5.25 22.21 19.43
C SER A 243 -5.26 23.45 20.33
N ILE A 244 -5.85 23.33 21.52
CA ILE A 244 -5.90 24.46 22.46
C ILE A 244 -4.50 24.83 22.98
N SER A 245 -3.63 23.82 23.09
CA SER A 245 -2.25 24.02 23.52
C SER A 245 -1.55 25.16 22.78
N ILE A 246 -1.86 25.29 21.48
CA ILE A 246 -1.32 26.37 20.65
C ILE A 246 -1.76 27.75 21.17
N LEU A 247 -3.06 27.92 21.38
CA LEU A 247 -3.60 29.17 21.90
C LEU A 247 -3.08 29.46 23.31
N GLU A 248 -2.95 28.42 24.12
CA GLU A 248 -2.47 28.57 25.48
C GLU A 248 -1.01 29.04 25.57
N GLN A 249 -0.13 28.45 24.75
CA GLN A 249 1.27 28.86 24.70
C GLN A 249 1.43 30.28 24.18
N GLU A 250 0.59 30.65 23.23
CA GLU A 250 0.64 31.97 22.61
C GLU A 250 0.29 33.05 23.63
N LYS A 251 -0.75 32.80 24.42
CA LYS A 251 -1.16 33.70 25.51
C LYS A 251 0.00 33.96 26.44
N VAL A 252 0.68 32.90 26.87
CA VAL A 252 1.78 33.04 27.83
C VAL A 252 2.86 33.97 27.29
N VAL A 253 3.28 33.72 26.04
CA VAL A 253 4.32 34.53 25.42
C VAL A 253 3.84 35.97 25.20
N ALA A 254 2.66 36.14 24.61
CA ALA A 254 2.12 37.47 24.28
C ALA A 254 1.96 38.38 25.50
N GLN A 255 1.64 37.78 26.64
CA GLN A 255 1.53 38.50 27.91
C GLN A 255 2.91 38.85 28.46
N GLN A 256 3.86 37.91 28.35
CA GLN A 256 5.24 38.18 28.75
C GLN A 256 5.83 39.34 27.95
N ILE A 257 5.40 39.49 26.71
CA ILE A 257 5.94 40.51 25.83
C ILE A 257 5.31 41.87 26.13
N ARG A 258 4.00 41.87 26.39
CA ARG A 258 3.29 43.08 26.79
C ARG A 258 3.94 43.72 28.02
N GLN A 259 4.26 42.90 29.01
CA GLN A 259 4.73 43.37 30.30
C GLN A 259 6.22 43.70 30.32
N LEU A 260 7.00 42.98 29.52
CA LEU A 260 8.44 43.16 29.46
C LEU A 260 8.82 44.26 28.48
N PHE A 261 8.01 44.43 27.43
CA PHE A 261 8.25 45.44 26.41
C PHE A 261 6.98 46.26 26.15
N PRO A 262 6.76 47.30 26.96
CA PRO A 262 5.53 48.09 26.88
C PRO A 262 5.32 48.83 25.55
N LYS A 263 6.42 49.14 24.85
CA LYS A 263 6.32 49.74 23.51
C LYS A 263 5.71 48.78 22.49
N PHE A 264 5.79 47.48 22.77
CA PHE A 264 5.34 46.47 21.82
C PHE A 264 3.94 45.97 22.14
N ALA A 265 3.32 46.57 23.16
CA ALA A 265 1.95 46.20 23.55
C ALA A 265 0.92 46.21 22.41
N ASP A 266 1.17 47.00 21.36
CA ASP A 266 0.27 47.03 20.21
C ASP A 266 0.89 46.44 18.95
N THR A 267 2.11 45.94 19.07
CA THR A 267 2.80 45.29 17.97
C THR A 267 2.13 43.97 17.62
N PRO A 268 1.65 43.83 16.35
CA PRO A 268 0.99 42.60 15.91
C PRO A 268 1.84 41.35 16.12
N ILE A 269 1.19 40.28 16.54
CA ILE A 269 1.84 38.99 16.77
C ILE A 269 1.39 37.99 15.70
N TYR A 270 2.36 37.39 15.03
CA TYR A 270 2.12 36.30 14.10
C TYR A 270 2.58 34.99 14.76
N ASN A 271 1.85 33.90 14.53
CA ASN A 271 2.40 32.56 14.70
C ASN A 271 2.47 31.91 13.32
N ASP A 272 3.63 32.02 12.68
CA ASP A 272 3.76 31.58 11.28
C ASP A 272 4.20 30.12 11.09
N GLU A 273 4.15 29.37 12.19
CA GLU A 273 4.28 27.91 12.19
C GLU A 273 3.39 27.33 13.30
N ALA A 274 2.07 27.46 13.11
CA ALA A 274 1.11 27.05 14.14
C ALA A 274 0.51 25.67 13.88
N ASP A 275 1.37 24.66 13.84
CA ASP A 275 0.95 23.31 13.47
C ASP A 275 0.58 22.43 14.66
N PRO A 276 -0.33 21.46 14.45
CA PRO A 276 -0.68 20.47 15.48
C PRO A 276 0.52 19.68 16.02
N LEU A 277 1.46 19.32 15.15
CA LEU A 277 2.62 18.54 15.56
C LEU A 277 3.87 18.92 14.75
N VAL A 278 4.97 19.10 15.47
CA VAL A 278 6.28 19.33 14.86
C VAL A 278 6.75 18.10 14.08
N GLY A 279 7.43 18.33 12.97
CA GLY A 279 7.95 17.25 12.12
C GLY A 279 7.00 16.92 10.98
N TRP A 280 7.10 17.67 9.90
CA TRP A 280 6.19 17.52 8.76
C TRP A 280 6.34 16.16 8.06
N SER A 281 7.57 15.65 8.05
CA SER A 281 7.91 14.44 7.28
C SER A 281 7.52 13.17 8.02
N LEU A 282 7.22 13.32 9.31
CA LEU A 282 6.74 12.22 10.13
C LEU A 282 5.35 11.80 9.64
N PRO A 283 5.23 10.57 9.12
CA PRO A 283 3.92 10.09 8.70
C PRO A 283 2.96 9.94 9.88
N GLN A 284 1.71 10.40 9.71
CA GLN A 284 0.66 10.35 10.72
C GLN A 284 -0.65 10.11 9.99
N PRO A 285 -1.43 9.10 10.42
CA PRO A 285 -2.65 8.76 9.67
C PRO A 285 -3.65 9.91 9.59
N TRP A 286 -3.67 10.77 10.62
CA TRP A 286 -4.63 11.87 10.68
C TRP A 286 -4.26 13.00 9.75
N ARG A 287 -2.96 13.14 9.44
CA ARG A 287 -2.49 14.11 8.47
C ARG A 287 -2.98 13.81 7.04
N ALA A 288 -3.71 12.72 6.89
CA ALA A 288 -4.10 12.26 5.56
C ALA A 288 -5.52 12.69 5.19
N ASP A 289 -6.44 12.59 6.13
CA ASP A 289 -7.86 12.78 5.82
C ASP A 289 -8.42 14.07 6.41
N VAL A 290 -9.71 14.05 6.74
CA VAL A 290 -10.43 15.21 7.26
C VAL A 290 -10.16 15.42 8.75
N THR A 291 -9.41 14.50 9.36
CA THR A 291 -8.99 14.67 10.75
C THR A 291 -8.14 15.94 10.88
N TYR A 292 -7.10 16.03 10.06
CA TYR A 292 -6.24 17.22 9.96
C TYR A 292 -7.05 18.44 9.54
N ALA A 293 -7.93 18.26 8.56
CA ALA A 293 -8.72 19.36 8.00
C ALA A 293 -9.65 20.00 9.02
N ALA A 294 -10.41 19.17 9.74
CA ALA A 294 -11.27 19.65 10.81
C ALA A 294 -10.48 20.29 11.95
N MET A 295 -9.29 19.76 12.26
CA MET A 295 -8.48 20.27 13.36
C MET A 295 -7.89 21.65 13.08
N VAL A 296 -7.40 21.84 11.85
CA VAL A 296 -6.92 23.15 11.37
C VAL A 296 -8.00 24.23 11.57
N VAL A 297 -9.24 23.89 11.22
CA VAL A 297 -10.40 24.77 11.37
C VAL A 297 -10.68 25.06 12.84
N LYS A 298 -10.67 24.01 13.66
CA LYS A 298 -10.83 24.09 15.10
C LYS A 298 -9.82 25.06 15.75
N VAL A 299 -8.56 24.98 15.33
CA VAL A 299 -7.49 25.84 15.84
C VAL A 299 -7.83 27.30 15.54
N ILE A 300 -8.23 27.55 14.30
CA ILE A 300 -8.63 28.88 13.83
C ILE A 300 -9.85 29.40 14.59
N ALA A 301 -10.89 28.56 14.71
CA ALA A 301 -12.09 28.91 15.46
C ALA A 301 -11.74 29.33 16.89
N GLN A 302 -10.93 28.51 17.57
CA GLN A 302 -10.44 28.80 18.91
C GLN A 302 -9.78 30.19 18.98
N HIS A 303 -8.95 30.50 18.00
CA HIS A 303 -8.25 31.79 17.94
C HIS A 303 -9.21 32.95 17.74
N GLN A 304 -10.14 32.80 16.81
CA GLN A 304 -11.14 33.82 16.61
C GLN A 304 -11.95 34.02 17.88
N ASN A 305 -12.58 32.96 18.36
CA ASN A 305 -13.53 33.04 19.46
C ASN A 305 -12.93 33.33 20.84
N LEU A 306 -11.76 32.76 21.11
CA LEU A 306 -11.17 32.85 22.44
C LEU A 306 -9.92 33.72 22.50
N LEU A 307 -9.73 34.62 21.54
CA LEU A 307 -8.61 35.55 21.57
C LEU A 307 -8.94 36.89 20.94
N LEU A 308 -9.63 36.85 19.81
CA LEU A 308 -9.85 38.03 18.98
C LEU A 308 -11.28 38.56 18.98
N ALA A 309 -12.16 37.92 19.74
CA ALA A 309 -13.57 38.29 19.76
C ALA A 309 -13.89 39.20 20.94
N ASN A 310 -13.06 40.23 21.13
CA ASN A 310 -13.15 41.15 22.29
C ASN A 310 -13.20 40.43 23.64
N THR A 311 -12.05 39.97 24.13
CA THR A 311 -11.97 39.36 25.45
C THR A 311 -11.79 40.46 26.50
N THR A 312 -10.64 40.48 27.16
CA THR A 312 -10.35 41.50 28.17
C THR A 312 -8.96 42.08 27.93
N SER A 313 -8.04 41.22 27.50
CA SER A 313 -6.66 41.63 27.23
C SER A 313 -6.29 41.52 25.75
N ALA A 314 -7.32 41.35 24.91
CA ALA A 314 -7.18 41.19 23.45
C ALA A 314 -5.77 41.51 22.95
N PHE A 315 -4.95 40.46 22.84
CA PHE A 315 -3.60 40.56 22.29
C PHE A 315 -3.69 40.77 20.78
N PRO A 316 -2.79 41.59 20.22
CA PRO A 316 -2.77 41.88 18.78
C PRO A 316 -2.31 40.67 17.97
N TYR A 317 -3.27 39.82 17.61
CA TYR A 317 -3.01 38.60 16.85
C TYR A 317 -3.43 38.80 15.40
N ALA A 318 -2.46 38.72 14.49
CA ALA A 318 -2.70 39.10 13.11
C ALA A 318 -2.53 37.97 12.10
N LEU A 319 -1.70 36.99 12.43
CA LEU A 319 -1.40 35.93 11.47
C LEU A 319 -1.18 34.56 12.07
N LEU A 320 -1.85 33.58 11.48
CA LEU A 320 -1.63 32.19 11.80
C LEU A 320 -1.28 31.47 10.50
N SER A 321 -0.12 30.84 10.47
CA SER A 321 0.32 30.09 9.29
C SER A 321 0.45 28.60 9.59
N ASN A 322 -0.19 27.79 8.75
CA ASN A 322 0.02 26.36 8.74
C ASN A 322 1.16 25.99 7.79
N ASP A 323 2.28 25.56 8.36
CA ASP A 323 3.50 25.29 7.61
C ASP A 323 3.39 23.96 6.86
N ASN A 324 2.51 23.93 5.87
CA ASN A 324 2.18 22.70 5.18
C ASN A 324 2.21 22.79 3.65
N ALA A 325 3.17 23.54 3.12
CA ALA A 325 3.33 23.69 1.67
C ALA A 325 4.32 22.67 1.10
N PHE A 326 4.88 21.85 1.99
CA PHE A 326 5.83 20.80 1.62
C PHE A 326 5.27 19.87 0.55
N LEU A 327 6.16 19.20 -0.16
CA LEU A 327 5.75 18.12 -1.06
C LEU A 327 6.04 16.79 -0.37
N SER A 328 5.08 15.87 -0.47
CA SER A 328 5.21 14.56 0.14
C SER A 328 6.11 13.66 -0.70
N TYR A 329 6.97 12.91 -0.02
CA TYR A 329 7.77 11.90 -0.71
C TYR A 329 7.30 10.49 -0.36
N HIS A 330 7.55 9.57 -1.29
CA HIS A 330 7.29 8.14 -1.14
C HIS A 330 8.07 7.55 0.07
N PRO A 331 7.49 6.54 0.76
CA PRO A 331 6.22 5.84 0.56
C PRO A 331 5.04 6.43 1.34
N HIS A 332 4.97 7.76 1.42
CA HIS A 332 3.99 8.42 2.28
C HIS A 332 3.25 9.56 1.57
N PRO A 333 2.44 9.22 0.56
CA PRO A 333 1.86 10.25 -0.29
C PRO A 333 0.85 11.15 0.42
N PHE A 334 0.09 10.59 1.35
CA PHE A 334 -0.93 11.34 2.09
C PHE A 334 -0.56 11.66 3.56
N ALA A 335 0.25 10.79 4.16
CA ALA A 335 0.48 10.82 5.62
C ALA A 335 1.34 11.97 6.15
N GLN A 336 1.90 12.78 5.26
CA GLN A 336 2.80 13.85 5.69
C GLN A 336 2.12 15.21 5.69
N ARG A 337 2.67 16.16 6.44
CA ARG A 337 2.05 17.47 6.64
C ARG A 337 2.15 18.33 5.39
N THR A 338 1.24 18.07 4.44
CA THR A 338 1.26 18.72 3.15
C THR A 338 -0.16 19.03 2.73
N LEU A 339 -0.34 20.03 1.88
CA LEU A 339 -1.66 20.39 1.37
C LEU A 339 -2.07 19.45 0.25
N THR A 340 -1.08 19.00 -0.52
CA THR A 340 -1.30 18.08 -1.64
C THR A 340 -0.59 16.74 -1.46
N ALA A 341 -1.13 15.71 -2.10
CA ALA A 341 -0.51 14.39 -2.12
C ALA A 341 0.25 14.21 -3.42
N ARG A 342 1.55 14.02 -3.34
CA ARG A 342 2.35 13.85 -4.56
C ARG A 342 2.46 12.40 -5.00
N PHE A 343 2.31 12.19 -6.32
CA PHE A 343 2.58 10.91 -6.92
C PHE A 343 3.58 11.07 -8.06
N GLN A 344 4.74 10.47 -7.87
CA GLN A 344 5.77 10.40 -8.89
C GLN A 344 5.58 9.12 -9.71
N VAL A 345 4.78 9.23 -10.77
CA VAL A 345 4.47 8.10 -11.65
C VAL A 345 5.69 7.82 -12.53
N ASN A 346 6.46 6.80 -12.13
CA ASN A 346 7.78 6.54 -12.70
C ASN A 346 7.83 5.57 -13.88
N ASN A 347 6.67 5.07 -14.32
CA ASN A 347 6.62 4.02 -15.33
C ASN A 347 5.95 4.43 -16.64
N THR A 348 5.78 5.73 -16.84
CA THR A 348 5.29 6.24 -18.13
C THR A 348 6.47 6.85 -18.91
N ARG A 349 6.29 7.06 -20.21
CA ARG A 349 7.33 7.67 -21.05
C ARG A 349 6.93 9.11 -21.36
N PRO A 350 7.51 10.10 -20.66
CA PRO A 350 8.50 9.98 -19.59
C PRO A 350 7.84 9.92 -18.21
N PRO A 351 8.64 9.64 -17.15
CA PRO A 351 8.08 9.69 -15.80
C PRO A 351 7.45 11.05 -15.55
N HIS A 352 6.24 11.07 -15.00
CA HIS A 352 5.56 12.33 -14.72
C HIS A 352 5.11 12.41 -13.28
N VAL A 353 4.62 13.59 -12.88
CA VAL A 353 4.18 13.84 -11.51
C VAL A 353 2.73 14.29 -11.48
N GLN A 354 1.99 13.81 -10.47
CA GLN A 354 0.60 14.18 -10.26
C GLN A 354 0.42 14.62 -8.81
N LEU A 355 -0.54 15.52 -8.59
CA LEU A 355 -0.87 15.98 -7.24
C LEU A 355 -2.33 15.83 -6.93
N LEU A 356 -2.62 15.44 -5.69
CA LEU A 356 -3.98 15.30 -5.21
C LEU A 356 -4.29 16.30 -4.13
N ARG A 357 -5.47 16.91 -4.23
CA ARG A 357 -5.91 17.93 -3.29
C ARG A 357 -6.43 17.30 -2.01
N LYS A 358 -5.57 17.25 -0.98
CA LYS A 358 -5.94 16.68 0.32
C LYS A 358 -7.08 17.45 0.99
N PRO A 359 -7.82 16.79 1.90
CA PRO A 359 -8.93 17.45 2.60
C PRO A 359 -8.56 18.79 3.26
N VAL A 360 -7.35 18.90 3.80
CA VAL A 360 -6.90 20.13 4.46
C VAL A 360 -6.97 21.33 3.53
N LEU A 361 -6.61 21.12 2.26
CA LEU A 361 -6.60 22.16 1.24
C LEU A 361 -8.01 22.53 0.84
N THR A 362 -8.85 21.50 0.66
CA THR A 362 -10.25 21.70 0.35
C THR A 362 -10.90 22.50 1.47
N ALA A 363 -10.52 22.19 2.71
CA ALA A 363 -11.00 22.87 3.90
C ALA A 363 -10.59 24.33 3.93
N MET A 364 -9.45 24.65 3.33
CA MET A 364 -8.99 26.04 3.24
C MET A 364 -9.95 26.85 2.37
N GLY A 365 -10.63 26.17 1.45
CA GLY A 365 -11.61 26.81 0.58
C GLY A 365 -12.90 27.12 1.29
N LEU A 366 -13.26 26.29 2.26
CA LEU A 366 -14.45 26.50 3.07
C LEU A 366 -14.28 27.67 4.04
N LEU A 367 -13.11 27.75 4.67
CA LEU A 367 -12.76 28.91 5.50
C LEU A 367 -12.81 30.19 4.67
N ALA A 368 -12.33 30.09 3.44
CA ALA A 368 -12.25 31.22 2.53
C ALA A 368 -13.61 31.87 2.19
N LEU A 369 -14.69 31.16 2.47
CA LEU A 369 -16.03 31.69 2.21
C LEU A 369 -16.56 32.63 3.30
N LEU A 370 -15.87 32.67 4.45
CA LEU A 370 -16.22 33.57 5.56
C LEU A 370 -16.00 35.03 5.19
N ASP A 371 -16.84 35.92 5.72
CA ASP A 371 -16.80 37.33 5.36
C ASP A 371 -16.44 38.22 6.54
N GLU A 372 -16.45 39.53 6.32
CA GLU A 372 -15.75 40.50 7.20
C GLU A 372 -16.37 40.79 8.58
N GLU A 373 -17.56 40.24 8.84
CA GLU A 373 -18.22 40.47 10.12
C GLU A 373 -18.56 39.15 10.80
N GLN A 374 -18.22 39.03 12.08
CA GLN A 374 -18.55 37.81 12.79
C GLN A 374 -19.93 37.92 13.42
N LEU A 375 -20.77 36.94 13.15
CA LEU A 375 -22.09 36.88 13.76
C LEU A 375 -22.03 36.25 15.13
N TRP A 376 -23.04 36.52 15.95
CA TRP A 376 -23.15 35.92 17.27
C TRP A 376 -23.54 34.46 17.12
N ALA A 377 -22.80 33.58 17.78
CA ALA A 377 -23.10 32.15 17.78
C ALA A 377 -22.99 31.60 19.18
N GLU A 378 -23.59 30.44 19.40
CA GLU A 378 -23.50 29.76 20.68
C GLU A 378 -23.66 28.26 20.50
N VAL A 379 -22.66 27.51 20.93
CA VAL A 379 -22.76 26.06 20.93
C VAL A 379 -23.04 25.62 22.36
N SER A 380 -24.22 25.04 22.55
CA SER A 380 -24.63 24.47 23.85
C SER A 380 -25.00 23.01 23.67
N GLN A 381 -25.01 22.27 24.77
CA GLN A 381 -25.39 20.87 24.75
C GLN A 381 -26.21 20.53 25.98
N ALA A 382 -27.51 20.37 25.77
CA ALA A 382 -28.47 20.04 26.84
C ALA A 382 -28.26 20.94 28.06
N GLY A 383 -28.24 22.25 27.82
CA GLY A 383 -28.10 23.24 28.89
C GLY A 383 -26.77 23.96 28.97
N THR A 384 -25.67 23.20 28.96
CA THR A 384 -24.31 23.74 29.14
C THR A 384 -23.74 24.40 27.88
N VAL A 385 -23.24 25.63 28.03
CA VAL A 385 -22.56 26.36 26.96
C VAL A 385 -21.14 25.82 26.78
N LEU A 386 -20.70 25.70 25.52
CA LEU A 386 -19.36 25.19 25.19
C LEU A 386 -18.59 26.17 24.31
N ASP A 387 -17.42 26.60 24.79
CA ASP A 387 -16.50 27.38 23.98
C ASP A 387 -15.79 26.47 22.97
N SER A 388 -15.13 27.05 21.97
CA SER A 388 -14.47 26.28 20.91
C SER A 388 -13.41 25.30 21.44
N ASN A 389 -13.14 25.36 22.75
CA ASN A 389 -12.26 24.43 23.46
C ASN A 389 -12.96 23.08 23.74
N HIS A 390 -13.86 22.70 22.83
CA HIS A 390 -14.58 21.41 22.86
C HIS A 390 -14.64 20.77 21.45
N THR A 391 -15.14 19.53 21.34
CA THR A 391 -15.12 18.78 20.07
C THR A 391 -15.97 19.39 18.95
N VAL A 392 -17.01 20.14 19.31
CA VAL A 392 -17.87 20.79 18.32
C VAL A 392 -17.89 22.31 18.55
N GLY A 393 -17.70 23.09 17.48
CA GLY A 393 -17.75 24.54 17.57
C GLY A 393 -18.15 25.18 16.26
N VAL A 394 -18.27 26.49 16.23
CA VAL A 394 -18.74 27.18 15.02
C VAL A 394 -18.11 28.55 14.78
N LEU A 395 -17.86 28.84 13.52
CA LEU A 395 -17.62 30.21 13.07
C LEU A 395 -18.73 30.65 12.14
N ALA A 396 -19.22 31.87 12.35
CA ALA A 396 -20.30 32.42 11.57
C ALA A 396 -19.97 33.83 11.12
N SER A 397 -20.36 34.17 9.90
CA SER A 397 -20.01 35.45 9.31
C SER A 397 -21.14 36.09 8.50
N ALA A 398 -21.12 37.41 8.42
CA ALA A 398 -22.05 38.18 7.59
C ALA A 398 -21.32 39.17 6.69
N HIS A 399 -21.92 39.46 5.53
CA HIS A 399 -21.29 40.35 4.55
C HIS A 399 -22.19 41.55 4.25
N ARG A 400 -21.60 42.74 4.30
CA ARG A 400 -22.28 43.97 3.89
C ARG A 400 -22.04 44.16 2.38
N PRO A 401 -23.13 44.16 1.58
CA PRO A 401 -23.05 44.27 0.12
C PRO A 401 -22.24 45.47 -0.35
N GLN A 402 -21.25 45.21 -1.21
CA GLN A 402 -20.32 46.23 -1.71
C GLN A 402 -20.88 46.91 -2.98
N GLY A 403 -20.59 46.35 -4.15
CA GLY A 403 -21.14 46.84 -5.41
C GLY A 403 -22.47 46.20 -5.74
N PRO A 404 -22.94 46.35 -7.00
CA PRO A 404 -24.17 45.68 -7.43
C PRO A 404 -23.97 44.18 -7.66
N ALA A 405 -22.71 43.76 -7.76
CA ALA A 405 -22.33 42.37 -8.07
C ALA A 405 -22.55 41.37 -6.92
N ASP A 406 -22.57 41.87 -5.69
CA ASP A 406 -22.77 41.00 -4.52
C ASP A 406 -24.00 41.37 -3.70
N ALA A 407 -24.42 40.44 -2.85
CA ALA A 407 -25.55 40.65 -1.96
C ALA A 407 -25.18 40.24 -0.54
N TRP A 408 -26.20 40.09 0.31
CA TRP A 408 -25.99 39.65 1.68
C TRP A 408 -25.56 38.19 1.72
N ARG A 409 -24.63 37.88 2.60
CA ARG A 409 -24.11 36.52 2.75
C ARG A 409 -24.00 36.11 4.21
N ALA A 410 -24.23 34.83 4.46
CA ALA A 410 -23.98 34.25 5.77
C ALA A 410 -23.19 32.96 5.60
N ALA A 411 -22.01 32.91 6.23
CA ALA A 411 -21.19 31.69 6.24
C ALA A 411 -21.09 31.08 7.64
N VAL A 412 -21.72 29.91 7.79
CA VAL A 412 -21.73 29.21 9.06
C VAL A 412 -20.91 27.91 8.92
N LEU A 413 -19.72 27.92 9.50
CA LEU A 413 -18.84 26.77 9.44
C LEU A 413 -18.78 26.05 10.79
N ILE A 414 -19.42 24.89 10.83
CA ILE A 414 -19.41 24.03 12.02
C ILE A 414 -18.32 22.98 11.83
N TYR A 415 -17.57 22.73 12.89
CA TYR A 415 -16.59 21.65 12.91
C TYR A 415 -16.91 20.62 13.98
N ALA A 416 -16.59 19.37 13.68
CA ALA A 416 -16.55 18.30 14.68
C ALA A 416 -15.13 17.72 14.66
N SER A 417 -14.40 17.81 15.77
CA SER A 417 -13.01 17.36 15.78
C SER A 417 -12.47 17.01 17.16
N ASP A 418 -11.98 15.78 17.31
CA ASP A 418 -11.27 15.43 18.55
C ASP A 418 -9.76 15.61 18.37
N ASP A 419 -9.37 16.72 17.74
CA ASP A 419 -7.97 17.03 17.41
C ASP A 419 -7.35 16.03 16.43
N THR A 420 -6.41 15.24 16.96
CA THR A 420 -5.63 14.24 16.23
C THR A 420 -6.26 12.84 16.30
N ARG A 421 -7.47 12.76 16.85
CA ARG A 421 -8.14 11.47 17.03
C ARG A 421 -9.45 11.40 16.25
N ALA A 422 -9.59 10.34 15.47
CA ALA A 422 -10.77 10.10 14.67
C ALA A 422 -11.57 8.98 15.31
N HIS A 423 -12.89 9.02 15.15
CA HIS A 423 -13.78 8.00 15.70
C HIS A 423 -14.83 7.63 14.66
N PRO A 424 -14.53 6.61 13.83
CA PRO A 424 -15.45 6.20 12.77
C PRO A 424 -16.74 5.61 13.35
N ASN A 425 -16.59 4.92 14.48
CA ASN A 425 -17.67 4.34 15.27
C ASN A 425 -18.79 5.33 15.58
N ARG A 426 -18.39 6.53 15.98
CA ARG A 426 -19.26 7.54 16.57
C ARG A 426 -20.03 8.38 15.56
N SER A 427 -21.08 9.04 16.04
CA SER A 427 -21.90 9.94 15.24
C SER A 427 -22.35 11.11 16.12
N VAL A 428 -22.25 12.33 15.61
CA VAL A 428 -22.52 13.52 16.41
C VAL A 428 -23.78 14.23 15.95
N ALA A 429 -24.84 14.10 16.75
CA ALA A 429 -26.12 14.72 16.46
C ALA A 429 -26.07 16.22 16.74
N VAL A 430 -26.40 17.01 15.72
CA VAL A 430 -26.33 18.46 15.83
C VAL A 430 -27.62 19.08 15.30
N THR A 431 -28.10 20.11 16.00
CA THR A 431 -29.23 20.89 15.53
C THR A 431 -28.81 22.35 15.38
N LEU A 432 -28.65 22.78 14.13
CA LEU A 432 -28.38 24.17 13.82
C LEU A 432 -29.68 24.95 13.84
N ARG A 433 -29.69 26.09 14.50
CA ARG A 433 -30.86 26.94 14.49
C ARG A 433 -30.45 28.36 14.12
N LEU A 434 -30.65 28.71 12.85
CA LEU A 434 -30.31 30.02 12.33
C LEU A 434 -31.50 30.96 12.43
N ARG A 435 -31.25 32.14 12.99
CA ARG A 435 -32.28 33.16 13.15
C ARG A 435 -31.82 34.54 12.68
N GLY A 436 -32.78 35.36 12.27
CA GLY A 436 -32.55 36.79 12.05
C GLY A 436 -31.91 37.18 10.75
N VAL A 437 -32.16 36.41 9.70
CA VAL A 437 -31.63 36.70 8.38
C VAL A 437 -32.31 37.93 7.81
N PRO A 438 -31.55 39.02 7.57
CA PRO A 438 -32.12 40.19 6.92
C PRO A 438 -32.93 39.80 5.68
N PRO A 439 -34.13 40.37 5.51
CA PRO A 439 -34.95 40.03 4.35
C PRO A 439 -34.34 40.58 3.06
N GLY A 440 -34.51 39.84 1.96
CA GLY A 440 -33.96 40.23 0.66
C GLY A 440 -34.39 39.31 -0.47
N PRO A 441 -34.02 39.69 -1.72
CA PRO A 441 -34.45 38.93 -2.91
C PRO A 441 -33.77 37.56 -3.07
N GLY A 442 -34.58 36.53 -3.30
CA GLY A 442 -34.11 35.17 -3.61
C GLY A 442 -33.16 34.55 -2.61
N LEU A 443 -33.60 34.43 -1.36
CA LEU A 443 -32.77 33.89 -0.30
C LEU A 443 -32.70 32.36 -0.35
N VAL A 444 -31.56 31.84 -0.78
CA VAL A 444 -31.31 30.39 -0.83
C VAL A 444 -30.12 30.02 0.05
N TYR A 445 -30.10 28.76 0.49
CA TYR A 445 -28.97 28.26 1.26
C TYR A 445 -28.36 27.03 0.59
N VAL A 446 -27.07 26.80 0.86
CA VAL A 446 -26.34 25.64 0.33
C VAL A 446 -25.53 24.96 1.44
N THR A 447 -25.58 23.64 1.50
CA THR A 447 -24.75 22.89 2.44
C THR A 447 -23.58 22.24 1.72
N ARG A 448 -22.40 22.31 2.35
CA ARG A 448 -21.20 21.68 1.87
C ARG A 448 -20.60 20.88 3.03
N TYR A 449 -20.36 19.60 2.81
CA TYR A 449 -19.99 18.71 3.91
C TYR A 449 -18.75 17.89 3.58
N LEU A 450 -17.83 17.81 4.55
CA LEU A 450 -16.62 16.99 4.43
C LEU A 450 -16.55 15.98 5.56
N ASP A 451 -16.24 14.73 5.22
CA ASP A 451 -15.84 13.72 6.21
C ASP A 451 -15.04 12.58 5.56
N ASN A 452 -14.50 11.70 6.41
CA ASN A 452 -13.62 10.61 5.97
C ASN A 452 -14.27 9.55 5.07
N GLY A 453 -15.57 9.33 5.24
CA GLY A 453 -16.31 8.38 4.41
C GLY A 453 -16.53 8.90 3.00
N LEU A 454 -17.01 10.13 2.89
CA LEU A 454 -17.43 10.66 1.59
C LEU A 454 -16.37 11.49 0.85
N CYS A 455 -15.39 12.03 1.58
CA CYS A 455 -14.49 13.04 0.99
C CYS A 455 -12.99 12.85 1.24
N SER A 456 -12.53 11.60 1.24
CA SER A 456 -11.10 11.33 1.47
C SER A 456 -10.45 10.67 0.26
N PRO A 457 -9.62 11.44 -0.48
CA PRO A 457 -8.76 10.85 -1.52
C PRO A 457 -7.87 9.72 -0.98
N ASP A 458 -7.30 9.89 0.22
CA ASP A 458 -6.54 8.81 0.87
C ASP A 458 -7.40 7.56 1.03
N GLY A 459 -8.65 7.76 1.46
CA GLY A 459 -9.61 6.68 1.62
C GLY A 459 -9.82 5.91 0.33
N GLU A 460 -10.09 6.62 -0.76
CA GLU A 460 -10.30 6.01 -2.07
C GLU A 460 -9.04 5.36 -2.64
N TRP A 461 -7.89 5.98 -2.39
CA TRP A 461 -6.59 5.39 -2.72
C TRP A 461 -6.46 4.01 -2.06
N ARG A 462 -6.92 3.93 -0.82
CA ARG A 462 -6.83 2.69 -0.06
C ARG A 462 -7.85 1.64 -0.49
N ARG A 463 -9.03 2.06 -0.92
CA ARG A 463 -10.01 1.14 -1.53
C ARG A 463 -9.48 0.55 -2.84
N LEU A 464 -8.72 1.36 -3.58
CA LEU A 464 -8.07 0.92 -4.81
C LEU A 464 -6.83 0.06 -4.54
N GLY A 465 -6.50 -0.15 -3.27
CA GLY A 465 -5.41 -1.06 -2.91
C GLY A 465 -4.03 -0.44 -2.93
N ARG A 466 -3.98 0.89 -2.79
CA ARG A 466 -2.71 1.62 -2.65
C ARG A 466 -1.77 1.51 -3.86
N PRO A 467 -2.28 1.77 -5.08
CA PRO A 467 -1.41 1.76 -6.25
C PRO A 467 -0.24 2.74 -6.10
N VAL A 468 0.99 2.24 -6.24
CA VAL A 468 2.17 3.08 -6.11
C VAL A 468 2.36 4.01 -7.31
N PHE A 469 2.05 3.54 -8.52
CA PHE A 469 2.00 4.38 -9.72
C PHE A 469 0.59 4.40 -10.30
N PRO A 470 -0.34 5.16 -9.69
CA PRO A 470 -1.73 5.12 -10.15
C PRO A 470 -1.91 5.35 -11.65
N THR A 471 -2.91 4.70 -12.24
CA THR A 471 -3.26 4.90 -13.64
C THR A 471 -4.20 6.11 -13.79
N ALA A 472 -4.58 6.41 -15.03
CA ALA A 472 -5.52 7.49 -15.32
C ALA A 472 -6.82 7.36 -14.50
N GLU A 473 -7.45 6.18 -14.58
CA GLU A 473 -8.73 5.93 -13.95
C GLU A 473 -8.59 5.90 -12.44
N GLN A 474 -7.48 5.34 -11.98
CA GLN A 474 -7.18 5.36 -10.54
C GLN A 474 -7.12 6.81 -10.00
N PHE A 475 -6.47 7.71 -10.74
CA PHE A 475 -6.44 9.14 -10.40
C PHE A 475 -7.84 9.79 -10.46
N ARG A 476 -8.61 9.46 -11.49
CA ARG A 476 -9.99 9.99 -11.65
C ARG A 476 -10.86 9.66 -10.45
N ARG A 477 -10.71 8.43 -9.95
CA ARG A 477 -11.52 7.95 -8.85
C ARG A 477 -11.07 8.54 -7.50
N MET A 478 -9.76 8.81 -7.39
CA MET A 478 -9.21 9.48 -6.22
C MET A 478 -9.60 10.95 -6.16
N ARG A 479 -9.68 11.59 -7.33
CA ARG A 479 -10.09 12.99 -7.41
C ARG A 479 -11.59 13.16 -7.15
N ALA A 480 -12.36 12.11 -7.45
CA ALA A 480 -13.80 12.11 -7.19
C ALA A 480 -14.07 12.53 -5.75
N ALA A 481 -13.18 12.12 -4.84
CA ALA A 481 -13.33 12.35 -3.40
C ALA A 481 -12.75 13.68 -2.86
N GLU A 482 -12.37 14.58 -3.76
CA GLU A 482 -11.76 15.86 -3.37
C GLU A 482 -12.77 16.87 -2.83
N ASP A 483 -13.82 17.14 -3.59
CA ASP A 483 -14.83 18.13 -3.22
C ASP A 483 -15.84 17.65 -2.19
N PRO A 484 -16.35 18.59 -1.35
CA PRO A 484 -17.36 18.25 -0.35
C PRO A 484 -18.73 17.99 -0.98
N VAL A 485 -19.48 17.07 -0.38
CA VAL A 485 -20.84 16.76 -0.81
C VAL A 485 -21.72 18.02 -0.72
N ALA A 486 -22.08 18.57 -1.88
CA ALA A 486 -22.90 19.78 -1.95
C ALA A 486 -24.37 19.45 -2.21
N ALA A 487 -25.26 20.32 -1.75
CA ALA A 487 -26.69 20.16 -1.98
C ALA A 487 -27.22 21.32 -2.82
N ALA A 488 -28.22 21.04 -3.65
CA ALA A 488 -28.84 22.04 -4.50
C ALA A 488 -29.27 23.26 -3.69
N PRO A 489 -29.18 24.47 -4.29
CA PRO A 489 -29.65 25.68 -3.59
C PRO A 489 -31.16 25.67 -3.33
N ARG A 490 -31.55 25.37 -2.09
CA ARG A 490 -32.96 25.37 -1.66
C ARG A 490 -33.34 26.74 -1.09
N PRO A 491 -34.60 27.20 -1.29
CA PRO A 491 -34.96 28.53 -0.78
C PRO A 491 -35.04 28.55 0.73
N LEU A 492 -34.73 29.70 1.32
CA LEU A 492 -34.73 29.85 2.78
C LEU A 492 -36.16 29.93 3.31
N PRO A 493 -36.48 29.14 4.35
CA PRO A 493 -37.78 29.21 5.02
C PRO A 493 -38.20 30.63 5.40
N ALA A 494 -39.50 30.89 5.31
CA ALA A 494 -40.09 32.21 5.56
C ALA A 494 -39.72 32.79 6.92
N GLY A 495 -39.56 34.11 6.96
CA GLY A 495 -39.20 34.82 8.19
C GLY A 495 -37.75 34.62 8.61
N GLY A 496 -36.83 34.78 7.65
CA GLY A 496 -35.37 34.69 7.89
C GLY A 496 -34.91 33.68 8.92
N ARG A 497 -35.42 32.45 8.83
CA ARG A 497 -35.11 31.38 9.78
C ARG A 497 -34.73 30.09 9.08
N LEU A 498 -33.87 29.29 9.69
CA LEU A 498 -33.54 27.95 9.21
C LEU A 498 -33.11 27.00 10.32
N THR A 499 -33.65 25.78 10.29
CA THR A 499 -33.29 24.74 11.23
C THR A 499 -32.89 23.48 10.47
N LEU A 500 -31.73 22.93 10.84
CA LEU A 500 -31.24 21.69 10.25
C LEU A 500 -30.84 20.74 11.36
N ARG A 501 -30.95 19.44 11.10
CA ARG A 501 -30.53 18.43 12.06
C ARG A 501 -29.56 17.43 11.41
N PRO A 502 -28.39 17.92 10.96
CA PRO A 502 -27.41 17.01 10.37
C PRO A 502 -26.85 16.05 11.40
N ALA A 503 -26.50 14.84 10.94
CA ALA A 503 -25.70 13.92 11.74
C ALA A 503 -24.26 14.06 11.27
N LEU A 504 -23.44 14.72 12.09
CA LEU A 504 -22.03 14.93 11.77
C LEU A 504 -21.19 13.75 12.19
N ARG A 505 -20.17 13.46 11.41
CA ARG A 505 -19.24 12.38 11.72
C ARG A 505 -18.04 12.97 12.47
N LEU A 506 -17.19 12.11 13.02
CA LEU A 506 -16.03 12.58 13.79
C LEU A 506 -14.73 12.04 13.19
N PRO A 507 -14.01 12.86 12.41
CA PRO A 507 -14.16 14.30 12.17
C PRO A 507 -15.13 14.65 11.02
N SER A 508 -15.53 15.91 10.98
CA SER A 508 -16.32 16.46 9.87
C SER A 508 -16.36 17.99 9.90
N LEU A 509 -16.63 18.56 8.73
CA LEU A 509 -16.81 20.00 8.58
C LEU A 509 -18.09 20.21 7.79
N LEU A 510 -18.85 21.23 8.18
CA LEU A 510 -20.12 21.54 7.54
C LEU A 510 -20.29 23.05 7.39
N LEU A 511 -20.50 23.50 6.15
CA LEU A 511 -20.66 24.92 5.90
C LEU A 511 -22.00 25.23 5.24
N VAL A 512 -22.90 25.83 6.03
CA VAL A 512 -24.18 26.32 5.54
C VAL A 512 -24.00 27.74 5.02
N HIS A 513 -24.33 27.95 3.76
CA HIS A 513 -24.09 29.20 3.05
C HIS A 513 -25.41 29.82 2.58
N VAL A 514 -25.81 30.90 3.24
CA VAL A 514 -27.06 31.57 2.92
C VAL A 514 -26.74 32.87 2.18
N CYS A 515 -27.15 32.94 0.92
N CYS A 515 -27.11 32.91 0.91
CA CYS A 515 -26.92 34.13 0.10
CA CYS A 515 -26.91 34.09 0.06
C CYS A 515 -28.22 34.69 -0.45
C CYS A 515 -28.25 34.70 -0.36
N ALA A 516 -28.24 35.99 -0.67
CA ALA A 516 -29.38 36.65 -1.29
C ALA A 516 -28.97 36.93 -2.75
N ARG A 517 -29.95 36.99 -3.65
CA ARG A 517 -29.69 37.21 -5.09
C ARG A 517 -29.28 38.66 -5.36
N PRO A 518 -28.04 38.87 -5.85
CA PRO A 518 -27.60 40.22 -6.23
C PRO A 518 -28.27 40.72 -7.52
N GLU A 519 -28.03 41.98 -7.86
CA GLU A 519 -28.65 42.62 -9.02
C GLU A 519 -28.05 42.10 -10.32
N LYS A 520 -26.74 42.25 -10.48
CA LYS A 520 -26.04 41.79 -11.68
C LYS A 520 -25.58 40.33 -11.53
N PRO A 521 -25.34 39.63 -12.66
CA PRO A 521 -24.72 38.30 -12.64
C PRO A 521 -23.24 38.35 -12.22
N PRO A 522 -22.58 37.17 -12.08
CA PRO A 522 -21.16 37.14 -11.70
C PRO A 522 -20.23 37.77 -12.73
N GLY A 523 -18.98 38.00 -12.33
CA GLY A 523 -17.96 38.56 -13.20
C GLY A 523 -17.22 37.55 -14.05
N GLN A 524 -16.24 38.05 -14.82
CA GLN A 524 -15.49 37.22 -15.79
C GLN A 524 -14.30 36.49 -15.14
N VAL A 525 -14.26 35.17 -15.36
CA VAL A 525 -13.11 34.36 -15.00
C VAL A 525 -11.89 34.90 -15.76
N THR A 526 -10.74 34.99 -15.09
CA THR A 526 -9.55 35.52 -15.73
C THR A 526 -8.32 34.69 -15.41
N ARG A 527 -7.23 34.98 -16.13
CA ARG A 527 -5.91 34.38 -15.92
C ARG A 527 -5.94 32.84 -15.99
N LEU A 528 -6.63 32.33 -17.02
CA LEU A 528 -6.74 30.88 -17.28
C LEU A 528 -5.44 30.32 -17.84
N ARG A 529 -5.00 29.18 -17.28
CA ARG A 529 -3.78 28.53 -17.73
C ARG A 529 -3.96 27.02 -17.93
N ALA A 530 -3.26 26.48 -18.92
CA ALA A 530 -3.21 25.05 -19.15
C ALA A 530 -1.82 24.55 -18.81
N LEU A 531 -1.74 23.57 -17.91
CA LEU A 531 -0.46 23.04 -17.45
C LEU A 531 -0.44 21.54 -17.68
N PRO A 532 0.45 21.07 -18.58
CA PRO A 532 0.53 19.65 -18.94
C PRO A 532 0.90 18.73 -17.78
N LEU A 533 0.24 17.57 -17.70
CA LEU A 533 0.56 16.57 -16.68
C LEU A 533 1.29 15.38 -17.27
N THR A 534 0.67 14.75 -18.27
CA THR A 534 1.23 13.66 -19.05
C THR A 534 0.38 13.52 -20.33
N GLN A 535 0.71 12.56 -21.20
CA GLN A 535 -0.09 12.33 -22.40
C GLN A 535 -1.59 12.27 -22.08
N GLY A 536 -2.38 13.05 -22.80
CA GLY A 536 -3.84 13.06 -22.67
C GLY A 536 -4.35 13.33 -21.26
N GLN A 537 -3.74 14.31 -20.58
CA GLN A 537 -4.10 14.67 -19.22
C GLN A 537 -3.46 16.04 -18.87
N LEU A 538 -4.26 17.00 -18.43
CA LEU A 538 -3.76 18.32 -18.05
C LEU A 538 -4.50 18.95 -16.87
N VAL A 539 -3.97 20.06 -16.37
CA VAL A 539 -4.60 20.85 -15.32
C VAL A 539 -5.09 22.17 -15.89
N LEU A 540 -6.35 22.49 -15.66
CA LEU A 540 -6.87 23.82 -15.95
C LEU A 540 -6.96 24.61 -14.65
N VAL A 541 -6.35 25.80 -14.63
CA VAL A 541 -6.31 26.65 -13.44
C VAL A 541 -6.68 28.10 -13.80
N TRP A 542 -7.41 28.77 -12.91
CA TRP A 542 -7.87 30.13 -13.19
C TRP A 542 -7.86 31.05 -11.95
N SER A 543 -8.55 32.18 -12.07
CA SER A 543 -8.58 33.22 -11.04
C SER A 543 -9.95 33.86 -10.93
N ASP A 544 -10.36 34.14 -9.69
CA ASP A 544 -11.70 34.67 -9.44
C ASP A 544 -11.78 36.14 -9.01
N GLU A 545 -10.63 36.81 -8.93
CA GLU A 545 -10.61 38.22 -8.48
C GLU A 545 -11.71 39.09 -9.08
N HIS A 546 -12.04 38.86 -10.36
CA HIS A 546 -13.07 39.65 -11.05
C HIS A 546 -14.47 39.03 -11.05
N VAL A 547 -14.59 37.81 -10.52
CA VAL A 547 -15.89 37.16 -10.33
C VAL A 547 -16.84 38.03 -9.49
N GLY A 548 -16.30 38.64 -8.43
CA GLY A 548 -17.00 39.66 -7.66
C GLY A 548 -18.12 39.20 -6.75
N SER A 549 -18.26 37.88 -6.56
CA SER A 549 -19.21 37.31 -5.61
C SER A 549 -18.81 35.91 -5.15
N LYS A 550 -19.22 35.54 -3.95
CA LYS A 550 -18.85 34.25 -3.36
C LYS A 550 -19.94 33.19 -3.48
N CYS A 551 -21.09 33.61 -3.98
N CYS A 551 -21.09 33.56 -4.04
CA CYS A 551 -22.24 32.73 -4.17
CA CYS A 551 -22.28 32.67 -4.09
C CYS A 551 -22.08 32.00 -5.49
C CYS A 551 -22.32 31.74 -5.31
N LEU A 552 -21.27 30.96 -5.50
CA LEU A 552 -21.06 30.15 -6.72
C LEU A 552 -21.36 28.67 -6.52
N TRP A 553 -21.90 28.05 -7.57
CA TRP A 553 -22.21 26.62 -7.57
C TRP A 553 -21.06 25.81 -8.17
N THR A 554 -20.61 26.25 -9.35
CA THR A 554 -19.55 25.58 -10.09
C THR A 554 -18.97 26.48 -11.18
N TYR A 555 -17.89 26.02 -11.81
CA TYR A 555 -17.34 26.69 -12.98
C TYR A 555 -17.60 25.84 -14.21
N GLU A 556 -18.34 26.39 -15.16
CA GLU A 556 -18.56 25.72 -16.45
C GLU A 556 -17.30 25.76 -17.28
N ILE A 557 -16.81 24.59 -17.67
CA ILE A 557 -15.63 24.49 -18.52
C ILE A 557 -16.02 23.92 -19.87
N GLN A 558 -15.63 24.62 -20.93
CA GLN A 558 -15.96 24.20 -22.28
C GLN A 558 -14.72 23.98 -23.14
N PHE A 559 -14.80 22.96 -24.00
CA PHE A 559 -13.67 22.52 -24.81
C PHE A 559 -14.03 22.54 -26.28
N SER A 560 -13.08 22.99 -27.10
CA SER A 560 -13.26 23.14 -28.54
C SER A 560 -12.17 22.43 -29.35
N GLN A 561 -12.57 21.86 -30.48
CA GLN A 561 -11.64 21.33 -31.47
C GLN A 561 -12.03 21.85 -32.86
N ASP A 562 -12.55 23.08 -32.88
CA ASP A 562 -13.10 23.75 -34.07
C ASP A 562 -14.47 23.21 -34.47
N TYR A 566 -17.34 24.64 -29.32
CA TYR A 566 -17.29 24.53 -27.87
C TYR A 566 -18.44 23.67 -27.34
N THR A 567 -18.08 22.65 -26.56
CA THR A 567 -19.07 21.77 -25.92
C THR A 567 -18.70 21.57 -24.43
N PRO A 568 -19.72 21.41 -23.56
CA PRO A 568 -19.48 21.39 -22.11
C PRO A 568 -18.70 20.15 -21.62
N VAL A 569 -17.66 20.38 -20.82
CA VAL A 569 -16.98 19.30 -20.11
C VAL A 569 -17.82 18.95 -18.89
N SER A 570 -18.48 17.80 -18.95
CA SER A 570 -19.41 17.39 -17.92
C SER A 570 -18.68 16.93 -16.66
N ARG A 571 -18.82 17.70 -15.57
CA ARG A 571 -18.17 17.38 -14.29
C ARG A 571 -19.07 17.69 -13.10
N LYS A 572 -18.85 16.99 -11.99
CA LYS A 572 -19.60 17.25 -10.75
C LYS A 572 -19.21 18.62 -10.15
N PRO A 573 -20.18 19.34 -9.54
CA PRO A 573 -19.99 20.72 -9.06
C PRO A 573 -18.78 20.93 -8.13
N SER A 574 -18.09 22.05 -8.33
CA SER A 574 -16.86 22.37 -7.63
C SER A 574 -16.50 23.84 -7.88
N THR A 575 -16.18 24.56 -6.81
CA THR A 575 -15.80 25.96 -6.90
C THR A 575 -14.32 26.21 -6.57
N PHE A 576 -13.56 25.11 -6.46
CA PHE A 576 -12.10 25.18 -6.39
C PHE A 576 -11.56 25.65 -7.74
N ASN A 577 -10.59 26.55 -7.72
CA ASN A 577 -10.11 27.19 -8.95
C ASN A 577 -9.07 26.37 -9.70
N LEU A 578 -9.27 25.05 -9.67
CA LEU A 578 -8.40 24.11 -10.37
C LEU A 578 -9.18 22.84 -10.74
N PHE A 579 -9.01 22.41 -11.98
CA PHE A 579 -9.63 21.19 -12.47
C PHE A 579 -8.65 20.36 -13.28
N VAL A 580 -8.65 19.05 -13.06
CA VAL A 580 -7.84 18.14 -13.85
C VAL A 580 -8.69 17.47 -14.93
N PHE A 581 -8.27 17.68 -16.17
CA PHE A 581 -9.00 17.19 -17.33
C PHE A 581 -8.42 15.88 -17.84
N SER A 582 -9.12 14.80 -17.56
CA SER A 582 -8.66 13.46 -17.94
C SER A 582 -9.76 12.72 -18.71
N PRO A 583 -9.96 13.08 -19.99
CA PRO A 583 -11.03 12.50 -20.78
C PRO A 583 -10.66 11.10 -21.25
N ASP A 584 -11.67 10.23 -21.36
CA ASP A 584 -11.46 8.85 -21.79
C ASP A 584 -10.94 8.73 -23.21
N THR A 585 -11.30 9.68 -24.06
CA THR A 585 -10.84 9.70 -25.46
C THR A 585 -9.34 9.98 -25.60
N GLY A 586 -8.75 10.65 -24.61
CA GLY A 586 -7.36 11.11 -24.69
C GLY A 586 -7.22 12.41 -25.47
N ALA A 587 -8.32 12.88 -26.05
CA ALA A 587 -8.35 14.11 -26.83
C ALA A 587 -8.36 15.36 -25.94
N VAL A 588 -7.19 15.98 -25.81
CA VAL A 588 -7.01 17.17 -24.99
C VAL A 588 -6.59 18.41 -25.79
N SER A 589 -6.18 18.20 -27.04
CA SER A 589 -5.65 19.28 -27.89
C SER A 589 -6.77 20.15 -28.47
N GLY A 590 -6.71 21.45 -28.20
CA GLY A 590 -7.71 22.39 -28.68
C GLY A 590 -7.72 23.71 -27.93
N SER A 591 -8.91 24.15 -27.54
CA SER A 591 -9.06 25.40 -26.80
C SER A 591 -10.10 25.33 -25.69
N TYR A 592 -9.81 26.00 -24.58
CA TYR A 592 -10.67 25.97 -23.39
C TYR A 592 -11.09 27.36 -22.95
N ARG A 593 -12.28 27.44 -22.37
CA ARG A 593 -12.77 28.66 -21.75
C ARG A 593 -13.61 28.28 -20.52
N VAL A 594 -13.65 29.17 -19.53
CA VAL A 594 -14.33 28.92 -18.26
C VAL A 594 -15.18 30.11 -17.83
N ARG A 595 -16.35 29.82 -17.24
CA ARG A 595 -17.21 30.86 -16.68
C ARG A 595 -17.82 30.40 -15.36
N ALA A 596 -18.28 31.35 -14.55
CA ALA A 596 -18.86 31.05 -13.23
C ALA A 596 -20.38 30.91 -13.27
N LEU A 597 -20.88 29.93 -12.51
CA LEU A 597 -22.31 29.67 -12.42
C LEU A 597 -22.76 29.75 -10.96
N ASP A 598 -23.61 30.74 -10.66
CA ASP A 598 -24.04 31.00 -9.27
C ASP A 598 -25.20 30.12 -8.79
N TYR A 599 -25.70 30.41 -7.59
CA TYR A 599 -26.79 29.63 -6.99
C TYR A 599 -28.15 29.84 -7.67
N TRP A 600 -28.25 30.81 -8.57
CA TRP A 600 -29.48 31.08 -9.31
C TRP A 600 -29.33 30.79 -10.80
N ALA A 601 -28.52 29.77 -11.09
CA ALA A 601 -28.25 29.29 -12.46
C ALA A 601 -27.72 30.35 -13.44
N ARG A 602 -27.40 31.55 -12.94
CA ARG A 602 -26.95 32.66 -13.78
C ARG A 602 -25.50 32.51 -14.26
N PRO A 603 -25.31 32.54 -15.60
CA PRO A 603 -23.95 32.49 -16.15
C PRO A 603 -23.26 33.86 -16.13
N GLY A 604 -21.98 33.86 -15.77
CA GLY A 604 -21.12 35.03 -15.93
C GLY A 604 -20.45 34.98 -17.30
N PRO A 605 -19.65 36.01 -17.65
CA PRO A 605 -18.90 36.01 -18.90
C PRO A 605 -17.80 34.94 -18.93
N PHE A 606 -17.58 34.37 -20.12
CA PHE A 606 -16.49 33.41 -20.32
C PHE A 606 -15.13 34.09 -20.24
N SER A 607 -14.16 33.36 -19.72
CA SER A 607 -12.75 33.77 -19.76
C SER A 607 -12.26 33.77 -21.20
N ASP A 608 -11.27 34.63 -21.48
CA ASP A 608 -10.62 34.61 -22.79
C ASP A 608 -10.11 33.20 -23.08
N PRO A 609 -10.42 32.65 -24.28
CA PRO A 609 -10.05 31.27 -24.60
C PRO A 609 -8.54 31.01 -24.49
N VAL A 610 -8.19 29.84 -23.95
CA VAL A 610 -6.79 29.44 -23.85
C VAL A 610 -6.55 28.21 -24.72
N PRO A 611 -5.54 28.28 -25.62
CA PRO A 611 -5.21 27.17 -26.51
C PRO A 611 -4.30 26.12 -25.86
N TYR A 612 -4.32 24.91 -26.41
CA TYR A 612 -3.47 23.82 -25.94
C TYR A 612 -3.14 22.83 -27.09
N LEU A 613 -1.84 22.65 -27.33
CA LEU A 613 -1.35 21.67 -28.31
C LEU A 613 -0.38 20.68 -27.69
N GLU A 614 -0.69 19.40 -27.83
CA GLU A 614 0.10 18.32 -27.24
C GLU A 614 1.09 17.74 -28.25
N ALA B 2 37.07 -32.61 -13.91
CA ALA B 2 36.70 -34.06 -13.74
C ALA B 2 35.17 -34.21 -13.69
N PRO B 3 34.61 -35.18 -14.45
CA PRO B 3 33.14 -35.27 -14.56
C PRO B 3 32.46 -36.01 -13.39
N HIS B 4 31.22 -35.66 -13.11
CA HIS B 4 30.43 -36.37 -12.10
C HIS B 4 29.81 -37.58 -12.76
N LEU B 5 30.15 -38.77 -12.26
CA LEU B 5 29.52 -39.98 -12.74
C LEU B 5 28.28 -40.22 -11.88
N VAL B 6 27.16 -40.50 -12.54
CA VAL B 6 25.90 -40.80 -11.85
C VAL B 6 25.41 -42.16 -12.34
N GLN B 7 25.66 -43.19 -11.51
CA GLN B 7 25.26 -44.57 -11.79
C GLN B 7 23.88 -44.85 -11.26
N VAL B 8 23.06 -45.52 -12.05
CA VAL B 8 21.70 -45.87 -11.64
C VAL B 8 21.42 -47.34 -12.00
N ASP B 9 20.75 -48.06 -11.11
CA ASP B 9 20.51 -49.50 -11.28
C ASP B 9 19.01 -49.87 -11.27
N ALA B 10 18.43 -50.03 -12.46
CA ALA B 10 16.98 -50.26 -12.61
C ALA B 10 16.53 -51.68 -12.24
N ALA B 11 17.49 -52.49 -11.79
CA ALA B 11 17.23 -53.84 -11.30
C ALA B 11 17.05 -53.85 -9.78
N ARG B 12 17.88 -53.05 -9.10
CA ARG B 12 17.82 -52.93 -7.64
C ARG B 12 16.78 -51.91 -7.17
N ALA B 13 15.53 -52.36 -7.02
CA ALA B 13 14.52 -51.58 -6.31
C ALA B 13 14.85 -51.71 -4.83
N LEU B 14 15.07 -50.61 -4.14
CA LEU B 14 15.63 -50.67 -2.79
C LEU B 14 14.59 -50.74 -1.68
N TRP B 15 13.60 -49.86 -1.76
CA TRP B 15 12.58 -49.69 -0.72
C TRP B 15 11.62 -48.63 -1.24
N PRO B 16 10.39 -48.63 -0.72
CA PRO B 16 9.44 -47.59 -1.09
C PRO B 16 10.04 -46.19 -1.03
N LEU B 17 9.66 -45.37 -2.01
CA LEU B 17 9.90 -43.94 -1.99
C LEU B 17 8.55 -43.26 -1.75
N ARG B 18 8.47 -42.47 -0.70
N ARG B 18 8.49 -42.44 -0.72
CA ARG B 18 7.23 -41.78 -0.38
CA ARG B 18 7.25 -41.77 -0.35
C ARG B 18 7.29 -40.32 -0.80
C ARG B 18 7.30 -40.31 -0.79
N ARG B 19 6.28 -39.88 -1.53
CA ARG B 19 6.19 -38.50 -1.99
C ARG B 19 5.81 -37.56 -0.83
N PHE B 20 6.79 -37.37 0.05
CA PHE B 20 6.60 -36.74 1.35
C PHE B 20 6.66 -35.21 1.34
N TRP B 21 6.78 -34.62 0.16
CA TRP B 21 7.03 -33.19 0.00
C TRP B 21 5.87 -32.45 -0.64
N ARG B 22 4.75 -33.14 -0.84
CA ARG B 22 3.66 -32.61 -1.67
C ARG B 22 2.80 -31.63 -0.91
N SER B 23 3.44 -30.62 -0.34
CA SER B 23 2.76 -29.60 0.43
C SER B 23 3.28 -28.19 0.16
N THR B 24 2.38 -27.23 0.32
CA THR B 24 2.74 -25.82 0.36
C THR B 24 1.93 -25.14 1.49
N GLY B 25 2.13 -23.84 1.66
CA GLY B 25 1.40 -23.09 2.68
C GLY B 25 1.68 -21.61 2.62
N PHE B 26 0.73 -20.82 3.13
CA PHE B 26 0.83 -19.36 3.14
C PHE B 26 0.03 -18.72 4.28
N CYS B 27 0.18 -17.40 4.41
CA CYS B 27 -0.56 -16.60 5.40
C CYS B 27 -1.20 -15.39 4.72
N PRO B 28 -2.50 -15.18 4.95
CA PRO B 28 -3.17 -13.94 4.51
C PRO B 28 -2.67 -12.69 5.27
N PRO B 29 -2.94 -11.47 4.75
CA PRO B 29 -2.56 -10.25 5.46
C PRO B 29 -3.69 -9.64 6.32
N LEU B 30 -3.41 -8.49 6.94
CA LEU B 30 -4.39 -7.78 7.78
C LEU B 30 -5.64 -7.37 6.99
N ASP B 36 -15.01 -9.29 2.51
CA ASP B 36 -14.39 -9.73 1.26
C ASP B 36 -12.91 -10.02 1.49
N PRO B 37 -12.57 -11.30 1.71
CA PRO B 37 -11.20 -11.69 2.07
C PRO B 37 -10.21 -11.75 0.90
N TYR B 38 -8.92 -11.65 1.24
CA TYR B 38 -7.80 -11.88 0.32
C TYR B 38 -7.82 -13.29 -0.23
N VAL B 39 -8.13 -14.25 0.64
CA VAL B 39 -8.13 -15.68 0.30
C VAL B 39 -9.21 -16.09 -0.71
N LEU B 40 -10.20 -15.23 -0.93
CA LEU B 40 -11.25 -15.51 -1.90
C LEU B 40 -11.21 -14.52 -3.07
N SER B 41 -10.18 -13.68 -3.11
CA SER B 41 -9.99 -12.76 -4.22
C SER B 41 -9.75 -13.54 -5.50
N TRP B 42 -9.99 -12.89 -6.63
CA TRP B 42 -9.70 -13.50 -7.92
C TRP B 42 -8.21 -13.89 -8.00
N ASP B 43 -7.36 -13.11 -7.35
CA ASP B 43 -5.93 -13.41 -7.23
C ASP B 43 -5.67 -14.81 -6.67
N GLN B 44 -6.26 -15.10 -5.51
CA GLN B 44 -6.04 -16.37 -4.84
C GLN B 44 -6.62 -17.53 -5.64
N GLN B 45 -7.78 -17.31 -6.27
CA GLN B 45 -8.38 -18.33 -7.14
C GLN B 45 -7.44 -18.71 -8.30
N LEU B 46 -6.82 -17.71 -8.91
CA LEU B 46 -5.79 -17.95 -9.93
C LEU B 46 -4.61 -18.69 -9.33
N ASN B 47 -4.10 -18.18 -8.20
CA ASN B 47 -2.96 -18.79 -7.52
C ASN B 47 -3.19 -20.27 -7.25
N LEU B 48 -4.39 -20.62 -6.80
CA LEU B 48 -4.65 -21.99 -6.42
C LEU B 48 -4.84 -22.90 -7.63
N ALA B 49 -5.34 -22.34 -8.72
CA ALA B 49 -5.40 -23.08 -9.99
C ALA B 49 -3.99 -23.58 -10.33
N TYR B 50 -3.01 -22.68 -10.25
CA TYR B 50 -1.60 -22.96 -10.52
C TYR B 50 -0.97 -23.99 -9.59
N VAL B 51 -1.41 -24.01 -8.34
CA VAL B 51 -0.91 -24.99 -7.37
C VAL B 51 -1.44 -26.40 -7.68
N GLY B 52 -2.72 -26.49 -8.05
CA GLY B 52 -3.40 -27.75 -8.28
C GLY B 52 -3.11 -28.33 -9.65
N ALA B 53 -2.49 -27.52 -10.51
CA ALA B 53 -2.25 -27.93 -11.89
C ALA B 53 -0.89 -28.61 -12.09
N VAL B 54 -0.10 -28.69 -11.02
CA VAL B 54 1.10 -29.51 -11.02
C VAL B 54 0.61 -30.94 -11.31
N PRO B 55 1.20 -31.62 -12.31
CA PRO B 55 0.66 -32.91 -12.72
C PRO B 55 0.75 -33.99 -11.64
N HIS B 56 -0.11 -35.00 -11.76
CA HIS B 56 -0.05 -36.20 -10.93
C HIS B 56 -0.05 -35.89 -9.44
N ARG B 57 -0.95 -34.98 -9.05
CA ARG B 57 -1.15 -34.59 -7.66
C ARG B 57 0.19 -34.31 -6.96
N GLY B 58 0.98 -33.42 -7.58
CA GLY B 58 2.34 -33.10 -7.10
C GLY B 58 2.38 -32.16 -5.91
N ILE B 59 1.31 -31.39 -5.74
CA ILE B 59 1.08 -30.60 -4.53
C ILE B 59 -0.32 -30.92 -4.00
N LYS B 60 -0.36 -31.47 -2.79
CA LYS B 60 -1.60 -32.01 -2.25
C LYS B 60 -2.20 -31.05 -1.22
N GLN B 61 -1.32 -30.48 -0.38
CA GLN B 61 -1.74 -29.71 0.79
C GLN B 61 -1.39 -28.23 0.72
N VAL B 62 -2.34 -27.38 1.15
CA VAL B 62 -2.11 -25.94 1.29
C VAL B 62 -2.34 -25.52 2.76
N ARG B 63 -1.25 -25.43 3.52
CA ARG B 63 -1.30 -25.09 4.95
C ARG B 63 -1.62 -23.62 5.17
N THR B 64 -2.86 -23.33 5.55
CA THR B 64 -3.40 -21.97 5.54
C THR B 64 -3.63 -21.37 6.94
N HIS B 65 -2.89 -20.31 7.25
CA HIS B 65 -3.04 -19.57 8.52
C HIS B 65 -4.40 -18.87 8.62
N TRP B 66 -4.81 -18.61 9.87
CA TRP B 66 -5.99 -17.79 10.19
C TRP B 66 -7.34 -18.27 9.67
N LEU B 67 -7.46 -19.57 9.42
CA LEU B 67 -8.69 -20.11 8.81
C LEU B 67 -9.93 -19.76 9.61
N LEU B 68 -9.76 -19.66 10.93
CA LEU B 68 -10.91 -19.40 11.79
C LEU B 68 -11.23 -17.90 11.93
N GLU B 69 -10.53 -17.05 11.17
CA GLU B 69 -10.97 -15.66 11.00
C GLU B 69 -11.91 -15.57 9.79
N LEU B 70 -12.16 -16.71 9.15
CA LEU B 70 -13.13 -16.80 8.07
C LEU B 70 -14.48 -17.19 8.64
N VAL B 71 -14.53 -17.43 9.95
CA VAL B 71 -15.78 -17.75 10.65
C VAL B 71 -16.23 -16.53 11.46
N THR B 72 -17.46 -16.09 11.23
CA THR B 72 -18.00 -14.95 11.97
C THR B 72 -19.01 -15.39 13.03
N THR B 73 -19.41 -14.44 13.89
CA THR B 73 -20.20 -14.72 15.08
C THR B 73 -21.46 -13.84 15.15
N ARG B 74 -22.53 -14.38 15.74
CA ARG B 74 -23.71 -13.60 16.10
C ARG B 74 -24.07 -13.84 17.58
N GLY B 75 -24.43 -12.77 18.28
CA GLY B 75 -24.78 -12.87 19.70
C GLY B 75 -23.56 -13.08 20.57
N SER B 76 -23.74 -13.78 21.68
CA SER B 76 -22.65 -14.05 22.64
C SER B 76 -22.97 -15.16 23.64
N THR B 77 -22.09 -15.31 24.64
CA THR B 77 -22.22 -16.29 25.71
C THR B 77 -23.31 -15.89 26.70
N LEU B 81 -25.31 -17.60 20.82
CA LEU B 81 -24.11 -17.59 20.00
C LEU B 81 -24.18 -18.49 18.75
N SER B 82 -24.15 -17.86 17.58
CA SER B 82 -24.19 -18.57 16.31
C SER B 82 -22.91 -18.39 15.53
N TYR B 83 -22.62 -19.36 14.66
CA TYR B 83 -21.48 -19.27 13.75
C TYR B 83 -21.93 -19.13 12.30
N ASN B 84 -21.25 -18.24 11.58
CA ASN B 84 -21.44 -18.09 10.15
C ASN B 84 -20.19 -18.59 9.45
N PHE B 85 -20.31 -19.74 8.78
CA PHE B 85 -19.18 -20.44 8.13
C PHE B 85 -18.99 -20.09 6.65
N THR B 86 -19.77 -19.14 6.12
CA THR B 86 -19.78 -18.88 4.68
C THR B 86 -18.40 -18.68 4.06
N HIS B 87 -17.61 -17.75 4.61
CA HIS B 87 -16.29 -17.48 4.04
C HIS B 87 -15.33 -18.69 4.12
N LEU B 88 -15.44 -19.47 5.18
CA LEU B 88 -14.65 -20.68 5.31
C LEU B 88 -15.06 -21.74 4.27
N ASP B 89 -16.37 -21.85 4.03
CA ASP B 89 -16.88 -22.73 2.98
C ASP B 89 -16.32 -22.32 1.62
N GLY B 90 -16.38 -21.02 1.33
CA GLY B 90 -15.86 -20.49 0.08
C GLY B 90 -14.43 -20.94 -0.17
N TYR B 91 -13.59 -20.84 0.86
CA TYR B 91 -12.19 -21.19 0.74
C TYR B 91 -11.94 -22.70 0.62
N LEU B 92 -12.60 -23.48 1.47
CA LEU B 92 -12.47 -24.94 1.43
C LEU B 92 -13.06 -25.55 0.16
N ASP B 93 -14.07 -24.92 -0.41
CA ASP B 93 -14.62 -25.34 -1.71
C ASP B 93 -13.63 -25.08 -2.85
N LEU B 94 -12.93 -23.94 -2.75
CA LEU B 94 -11.91 -23.55 -3.71
C LEU B 94 -10.73 -24.53 -3.73
N LEU B 95 -10.31 -24.96 -2.54
CA LEU B 95 -9.30 -26.00 -2.42
C LEU B 95 -9.83 -27.29 -3.00
N ARG B 96 -11.10 -27.58 -2.74
CA ARG B 96 -11.74 -28.81 -3.23
C ARG B 96 -11.79 -28.85 -4.75
N GLU B 97 -12.04 -27.69 -5.36
CA GLU B 97 -12.12 -27.60 -6.81
C GLU B 97 -10.79 -27.95 -7.46
N ASN B 98 -9.70 -27.59 -6.78
CA ASN B 98 -8.37 -27.79 -7.30
C ASN B 98 -7.67 -29.01 -6.73
N GLN B 99 -8.44 -30.01 -6.29
CA GLN B 99 -7.89 -31.24 -5.69
C GLN B 99 -6.82 -30.95 -4.63
N LEU B 100 -7.04 -29.90 -3.86
CA LEU B 100 -6.10 -29.56 -2.79
C LEU B 100 -6.80 -29.76 -1.46
N LEU B 101 -6.03 -30.11 -0.44
CA LEU B 101 -6.56 -30.26 0.91
C LEU B 101 -5.97 -29.17 1.79
N PRO B 102 -6.75 -28.67 2.77
CA PRO B 102 -6.17 -27.68 3.66
C PRO B 102 -5.18 -28.32 4.62
N GLY B 103 -4.17 -27.55 5.02
CA GLY B 103 -3.45 -27.83 6.25
C GLY B 103 -4.26 -27.08 7.29
N PHE B 104 -5.27 -27.75 7.83
CA PHE B 104 -6.28 -27.07 8.64
C PHE B 104 -5.74 -26.68 10.01
N GLU B 105 -5.03 -25.55 10.05
CA GLU B 105 -4.58 -24.99 11.32
C GLU B 105 -5.79 -24.41 12.03
N LEU B 106 -6.01 -24.84 13.27
CA LEU B 106 -7.16 -24.37 14.05
C LEU B 106 -6.82 -23.03 14.71
N MET B 107 -6.78 -21.99 13.88
CA MET B 107 -6.12 -20.75 14.19
C MET B 107 -7.05 -19.58 13.87
N GLY B 108 -7.39 -18.81 14.90
CA GLY B 108 -8.21 -17.62 14.72
C GLY B 108 -9.04 -17.35 15.94
N SER B 109 -9.79 -16.26 15.91
CA SER B 109 -10.59 -15.85 17.06
C SER B 109 -12.09 -15.85 16.76
N ALA B 110 -12.45 -16.43 15.60
CA ALA B 110 -13.83 -16.37 15.10
C ALA B 110 -14.35 -14.93 15.10
N SER B 111 -13.54 -14.04 14.55
CA SER B 111 -13.89 -12.63 14.36
C SER B 111 -13.97 -11.85 15.67
N GLY B 112 -13.22 -12.28 16.68
CA GLY B 112 -13.09 -11.54 17.91
C GLY B 112 -13.81 -12.11 19.11
N HIS B 113 -14.58 -13.17 18.89
CA HIS B 113 -15.29 -13.83 19.99
C HIS B 113 -14.38 -14.49 21.00
N PHE B 114 -13.29 -15.10 20.54
CA PHE B 114 -12.39 -15.80 21.46
C PHE B 114 -11.27 -14.88 21.88
N THR B 115 -11.08 -14.74 23.19
CA THR B 115 -10.12 -13.79 23.76
C THR B 115 -9.23 -14.40 24.85
N ASP B 116 -9.65 -15.54 25.38
CA ASP B 116 -9.08 -16.06 26.62
C ASP B 116 -9.24 -17.57 26.73
N PHE B 117 -8.13 -18.31 26.60
CA PHE B 117 -8.16 -19.76 26.74
C PHE B 117 -7.87 -20.20 28.18
N GLU B 118 -7.79 -19.22 29.07
CA GLU B 118 -7.77 -19.48 30.50
C GLU B 118 -9.21 -19.47 31.00
N ASP B 119 -10.07 -18.77 30.28
CA ASP B 119 -11.51 -18.68 30.58
C ASP B 119 -12.17 -20.03 30.36
N LYS B 120 -12.50 -20.72 31.45
CA LYS B 120 -13.14 -22.04 31.40
C LYS B 120 -14.35 -22.10 30.45
N GLN B 121 -15.09 -21.00 30.37
CA GLN B 121 -16.31 -20.93 29.58
C GLN B 121 -16.02 -20.96 28.07
N GLN B 122 -15.02 -20.18 27.67
CA GLN B 122 -14.59 -20.08 26.26
C GLN B 122 -13.95 -21.39 25.76
N VAL B 123 -13.20 -22.06 26.63
CA VAL B 123 -12.54 -23.32 26.28
C VAL B 123 -13.59 -24.38 25.94
N PHE B 124 -14.74 -24.31 26.60
CA PHE B 124 -15.87 -25.20 26.29
C PHE B 124 -16.55 -24.86 24.97
N GLU B 125 -16.56 -23.58 24.62
CA GLU B 125 -17.14 -23.14 23.36
C GLU B 125 -16.24 -23.51 22.19
N TRP B 126 -14.93 -23.48 22.42
CA TRP B 126 -13.96 -23.82 21.40
C TRP B 126 -14.08 -25.28 20.98
N LYS B 127 -14.24 -26.16 21.97
CA LYS B 127 -14.45 -27.59 21.74
C LYS B 127 -15.61 -27.80 20.79
N ASP B 128 -16.73 -27.13 21.09
CA ASP B 128 -17.95 -27.28 20.30
C ASP B 128 -17.92 -26.57 18.96
N LEU B 129 -17.09 -25.54 18.83
CA LEU B 129 -16.85 -24.93 17.53
C LEU B 129 -16.05 -25.88 16.65
N VAL B 130 -15.00 -26.49 17.22
CA VAL B 130 -14.19 -27.45 16.47
C VAL B 130 -15.07 -28.61 15.99
N SER B 131 -15.90 -29.16 16.88
CA SER B 131 -16.83 -30.24 16.51
C SER B 131 -17.80 -29.80 15.43
N SER B 132 -18.38 -28.61 15.59
CA SER B 132 -19.35 -28.10 14.64
C SER B 132 -18.83 -28.10 13.22
N LEU B 133 -17.61 -27.61 13.03
CA LEU B 133 -17.02 -27.52 11.69
C LEU B 133 -16.41 -28.84 11.21
N ALA B 134 -15.88 -29.65 12.13
CA ALA B 134 -15.44 -31.00 11.77
C ALA B 134 -16.64 -31.76 11.17
N ARG B 135 -17.76 -31.73 11.88
CA ARG B 135 -19.01 -32.34 11.40
C ARG B 135 -19.50 -31.71 10.12
N ARG B 136 -19.45 -30.38 10.05
CA ARG B 136 -19.92 -29.66 8.87
C ARG B 136 -19.25 -30.17 7.61
N TYR B 137 -17.93 -30.30 7.64
CA TYR B 137 -17.18 -30.65 6.45
C TYR B 137 -17.10 -32.16 6.20
N ILE B 138 -17.30 -32.93 7.26
CA ILE B 138 -17.56 -34.36 7.07
C ILE B 138 -18.90 -34.52 6.35
N GLY B 139 -19.85 -33.63 6.65
CA GLY B 139 -21.13 -33.60 5.96
C GLY B 139 -21.00 -33.11 4.53
N ARG B 140 -20.08 -32.17 4.32
CA ARG B 140 -19.93 -31.50 3.03
C ARG B 140 -19.10 -32.30 2.02
N TYR B 141 -18.05 -32.95 2.49
CA TYR B 141 -17.08 -33.61 1.62
C TYR B 141 -16.98 -35.12 1.79
N GLY B 142 -17.59 -35.64 2.84
CA GLY B 142 -17.46 -37.05 3.17
C GLY B 142 -16.38 -37.23 4.22
N LEU B 143 -16.54 -38.24 5.08
CA LEU B 143 -15.56 -38.52 6.13
C LEU B 143 -14.21 -38.95 5.57
N ALA B 144 -14.25 -39.74 4.50
CA ALA B 144 -13.06 -40.16 3.75
C ALA B 144 -12.14 -38.99 3.43
N HIS B 145 -12.71 -37.95 2.80
CA HIS B 145 -11.94 -36.78 2.39
C HIS B 145 -11.37 -35.99 3.57
N VAL B 146 -12.16 -35.81 4.63
CA VAL B 146 -11.74 -35.03 5.78
C VAL B 146 -10.73 -35.78 6.65
N SER B 147 -10.74 -37.12 6.55
CA SER B 147 -9.75 -37.96 7.25
C SER B 147 -8.33 -37.67 6.80
N LYS B 148 -8.20 -37.18 5.56
CA LYS B 148 -6.89 -36.86 5.00
C LYS B 148 -6.27 -35.60 5.64
N TRP B 149 -7.11 -34.60 5.92
CA TRP B 149 -6.67 -33.29 6.41
C TRP B 149 -5.73 -33.41 7.61
N ASN B 150 -4.62 -32.68 7.55
CA ASN B 150 -3.75 -32.49 8.69
C ASN B 150 -4.24 -31.33 9.54
N PHE B 151 -5.17 -31.60 10.47
CA PHE B 151 -5.56 -30.59 11.46
C PHE B 151 -4.37 -30.25 12.38
N GLU B 152 -4.18 -28.96 12.64
CA GLU B 152 -2.98 -28.52 13.34
C GLU B 152 -3.25 -27.43 14.34
N THR B 153 -2.33 -27.27 15.28
CA THR B 153 -2.43 -26.19 16.26
C THR B 153 -2.04 -24.84 15.64
N TRP B 154 -2.53 -23.78 16.27
CA TRP B 154 -2.18 -22.39 15.97
C TRP B 154 -0.72 -22.27 15.58
N ASN B 155 -0.44 -21.55 14.49
CA ASN B 155 0.92 -21.43 13.99
C ASN B 155 1.88 -20.87 15.03
N GLU B 156 3.10 -21.40 15.04
CA GLU B 156 4.20 -20.92 15.86
C GLU B 156 3.76 -20.31 17.19
N PRO B 157 3.27 -21.16 18.12
CA PRO B 157 2.78 -20.71 19.43
C PRO B 157 3.82 -19.89 20.22
N ASP B 158 5.09 -20.26 20.12
CA ASP B 158 6.15 -19.53 20.82
C ASP B 158 6.62 -18.26 20.11
N HIS B 159 5.84 -17.78 19.14
CA HIS B 159 6.13 -16.56 18.41
C HIS B 159 5.06 -15.51 18.61
N HIS B 160 3.87 -15.94 19.04
CA HIS B 160 2.74 -15.09 19.47
C HIS B 160 2.64 -13.66 18.89
N ASP B 161 1.98 -13.42 17.75
CA ASP B 161 1.26 -14.37 16.84
C ASP B 161 -0.19 -14.71 17.20
N PHE B 162 -0.70 -14.13 18.28
CA PHE B 162 -2.04 -14.49 18.75
C PHE B 162 -3.14 -13.43 18.56
N ASP B 163 -2.81 -12.28 17.94
CA ASP B 163 -3.75 -11.16 17.84
C ASP B 163 -4.17 -10.67 19.22
N ASN B 164 -5.47 -10.48 19.41
CA ASN B 164 -6.04 -10.02 20.68
C ASN B 164 -6.36 -11.16 21.66
N VAL B 165 -5.92 -12.37 21.32
CA VAL B 165 -6.20 -13.55 22.12
C VAL B 165 -5.12 -13.74 23.20
N SER B 166 -5.58 -14.03 24.40
CA SER B 166 -4.71 -14.38 25.51
C SER B 166 -4.42 -15.89 25.49
N MET B 167 -3.21 -16.23 25.07
CA MET B 167 -2.80 -17.62 25.02
C MET B 167 -1.59 -17.83 25.91
N THR B 168 -1.83 -18.17 27.16
CA THR B 168 -0.73 -18.47 28.08
C THR B 168 -0.26 -19.91 27.86
N MET B 169 0.80 -20.29 28.56
CA MET B 169 1.29 -21.65 28.59
C MET B 169 0.13 -22.61 28.92
N GLN B 170 -0.66 -22.25 29.93
CA GLN B 170 -1.80 -23.06 30.38
C GLN B 170 -2.98 -22.95 29.41
N GLY B 171 -3.23 -21.74 28.92
CA GLY B 171 -4.28 -21.48 27.95
C GLY B 171 -4.09 -22.29 26.68
N PHE B 172 -2.84 -22.37 26.22
CA PHE B 172 -2.49 -23.16 25.04
C PHE B 172 -2.79 -24.65 25.24
N LEU B 173 -2.51 -25.17 26.43
CA LEU B 173 -2.81 -26.55 26.78
C LEU B 173 -4.31 -26.84 26.83
N ASN B 174 -5.06 -25.88 27.36
CA ASN B 174 -6.53 -25.96 27.33
C ASN B 174 -7.04 -25.93 25.89
N TYR B 175 -6.48 -25.02 25.10
CA TYR B 175 -6.80 -24.88 23.68
C TYR B 175 -6.60 -26.18 22.92
N TYR B 176 -5.46 -26.83 23.16
CA TYR B 176 -5.17 -28.11 22.52
C TYR B 176 -6.17 -29.21 22.89
N ASP B 177 -6.53 -29.27 24.17
CA ASP B 177 -7.49 -30.28 24.62
C ASP B 177 -8.86 -30.07 24.00
N ALA B 178 -9.27 -28.81 23.86
CA ALA B 178 -10.52 -28.47 23.17
C ALA B 178 -10.47 -28.83 21.69
N CYS B 179 -9.31 -28.58 21.07
CA CYS B 179 -9.08 -28.95 19.68
C CYS B 179 -9.22 -30.45 19.53
N SER B 180 -8.50 -31.19 20.39
CA SER B 180 -8.40 -32.66 20.31
C SER B 180 -9.73 -33.33 20.60
N GLU B 181 -10.38 -32.92 21.70
CA GLU B 181 -11.72 -33.41 22.04
C GLU B 181 -12.74 -33.03 20.96
N GLY B 182 -12.76 -31.73 20.59
CA GLY B 182 -13.61 -31.23 19.52
C GLY B 182 -13.61 -32.14 18.30
N LEU B 183 -12.42 -32.50 17.84
CA LEU B 183 -12.29 -33.39 16.68
C LEU B 183 -12.79 -34.80 17.01
N ARG B 184 -12.33 -35.33 18.14
CA ARG B 184 -12.71 -36.68 18.56
C ARG B 184 -14.22 -36.85 18.67
N ALA B 185 -14.89 -35.85 19.25
CA ALA B 185 -16.35 -35.79 19.29
C ALA B 185 -17.01 -36.09 17.94
N ALA B 186 -16.49 -35.48 16.87
CA ALA B 186 -17.03 -35.70 15.53
C ALA B 186 -16.65 -37.05 14.94
N SER B 187 -15.37 -37.40 14.99
CA SER B 187 -14.89 -38.72 14.56
C SER B 187 -13.50 -39.01 15.13
N PRO B 188 -13.23 -40.28 15.46
CA PRO B 188 -11.87 -40.66 15.85
C PRO B 188 -10.97 -40.84 14.64
N ALA B 189 -11.56 -40.83 13.45
CA ALA B 189 -10.80 -40.98 12.21
C ALA B 189 -9.90 -39.77 11.94
N LEU B 190 -10.28 -38.61 12.48
CA LEU B 190 -9.60 -37.36 12.21
C LEU B 190 -8.27 -37.26 12.96
N ARG B 191 -7.38 -36.42 12.45
CA ARG B 191 -5.97 -36.40 12.84
C ARG B 191 -5.50 -35.02 13.30
N LEU B 192 -4.85 -34.95 14.47
CA LEU B 192 -4.38 -33.69 15.01
C LEU B 192 -2.91 -33.75 15.48
N GLY B 193 -2.14 -32.72 15.11
CA GLY B 193 -0.75 -32.56 15.53
C GLY B 193 -0.34 -31.11 15.74
N GLY B 194 0.80 -30.92 16.38
CA GLY B 194 1.36 -29.59 16.62
C GLY B 194 2.81 -29.71 17.08
N PRO B 195 3.38 -28.62 17.61
CA PRO B 195 2.83 -27.27 17.69
C PRO B 195 3.11 -26.42 16.46
N GLY B 196 4.02 -26.87 15.61
CA GLY B 196 4.49 -26.08 14.47
C GLY B 196 5.34 -24.91 14.93
N ASP B 197 6.48 -25.21 15.54
CA ASP B 197 7.40 -24.19 16.03
C ASP B 197 8.85 -24.67 16.02
N SER B 198 9.76 -23.72 16.26
CA SER B 198 11.21 -23.93 16.19
C SER B 198 11.71 -25.14 16.99
N PHE B 199 11.18 -25.31 18.20
CA PHE B 199 11.67 -26.31 19.15
C PHE B 199 13.11 -26.04 19.58
N HIS B 200 13.38 -24.81 19.98
CA HIS B 200 14.70 -24.44 20.48
C HIS B 200 14.96 -25.03 21.87
N THR B 201 16.23 -25.01 22.30
CA THR B 201 16.64 -25.66 23.55
C THR B 201 16.11 -24.89 24.77
N PRO B 202 15.43 -25.59 25.72
CA PRO B 202 14.81 -24.94 26.88
C PRO B 202 15.83 -24.12 27.68
N PRO B 203 15.41 -22.98 28.27
CA PRO B 203 14.05 -22.42 28.47
C PRO B 203 13.30 -21.99 27.20
N ARG B 204 14.03 -21.86 26.10
CA ARG B 204 13.46 -21.39 24.82
C ARG B 204 12.42 -22.37 24.26
N SER B 205 11.51 -21.84 23.44
CA SER B 205 10.35 -22.58 22.92
C SER B 205 9.57 -23.30 24.03
N PRO B 206 9.08 -22.56 25.05
CA PRO B 206 8.44 -23.19 26.20
C PRO B 206 7.12 -23.91 25.86
N LEU B 207 6.26 -23.24 25.09
CA LEU B 207 4.93 -23.76 24.77
C LEU B 207 4.98 -25.01 23.90
N SER B 208 5.96 -25.05 22.99
CA SER B 208 6.18 -26.20 22.12
C SER B 208 6.55 -27.45 22.91
N TRP B 209 7.56 -27.32 23.79
CA TRP B 209 7.92 -28.41 24.70
C TRP B 209 6.78 -28.71 25.68
N GLY B 210 6.07 -27.65 26.09
CA GLY B 210 4.92 -27.77 26.98
C GLY B 210 3.87 -28.71 26.42
N LEU B 211 3.51 -28.51 25.16
CA LEU B 211 2.51 -29.33 24.50
C LEU B 211 2.94 -30.79 24.37
N LEU B 212 4.24 -31.02 24.22
CA LEU B 212 4.73 -32.39 24.12
C LEU B 212 4.66 -33.10 25.48
N ARG B 213 5.02 -32.38 26.55
CA ARG B 213 4.97 -32.95 27.90
C ARG B 213 3.54 -33.24 28.32
N HIS B 214 2.63 -32.36 27.91
CA HIS B 214 1.19 -32.45 28.21
C HIS B 214 0.53 -33.67 27.58
N CYS B 215 0.82 -33.93 26.30
CA CYS B 215 0.25 -35.06 25.60
C CYS B 215 0.86 -36.39 26.04
N HIS B 216 2.10 -36.35 26.53
CA HIS B 216 2.80 -37.54 26.99
C HIS B 216 2.42 -37.88 28.43
N ASP B 217 2.48 -36.89 29.31
CA ASP B 217 2.33 -37.09 30.75
C ASP B 217 1.21 -36.29 31.42
N GLY B 218 0.76 -35.20 30.78
CA GLY B 218 -0.26 -34.31 31.34
C GLY B 218 -1.67 -34.88 31.43
N THR B 219 -2.62 -34.03 31.79
CA THR B 219 -4.01 -34.45 32.03
C THR B 219 -5.02 -33.74 31.12
N ASN B 220 -5.94 -34.51 30.55
CA ASN B 220 -6.95 -34.00 29.63
C ASN B 220 -7.99 -33.11 30.32
N PHE B 221 -8.00 -31.84 29.95
CA PHE B 221 -8.90 -30.81 30.50
C PHE B 221 -10.37 -31.24 30.58
N PHE B 222 -10.83 -32.04 29.63
CA PHE B 222 -12.25 -32.42 29.57
C PHE B 222 -12.52 -33.80 30.19
N THR B 223 -11.89 -34.85 29.63
CA THR B 223 -12.10 -36.21 30.10
C THR B 223 -11.35 -36.53 31.40
N GLY B 224 -10.32 -35.73 31.70
CA GLY B 224 -9.53 -35.90 32.92
C GLY B 224 -8.52 -37.05 32.90
N GLU B 225 -8.43 -37.78 31.79
CA GLU B 225 -7.50 -38.90 31.69
C GLU B 225 -6.04 -38.45 31.52
N ALA B 226 -5.11 -39.37 31.78
CA ALA B 226 -3.67 -39.11 31.67
C ALA B 226 -3.19 -39.32 30.22
N GLY B 227 -2.51 -38.32 29.67
CA GLY B 227 -2.08 -38.35 28.27
C GLY B 227 -3.15 -37.87 27.31
N VAL B 228 -2.72 -37.20 26.23
CA VAL B 228 -3.64 -36.67 25.21
C VAL B 228 -3.15 -37.08 23.82
N ARG B 229 -4.10 -37.36 22.93
CA ARG B 229 -3.79 -37.70 21.55
C ARG B 229 -2.88 -36.64 20.92
N LEU B 230 -1.83 -37.11 20.25
CA LEU B 230 -0.96 -36.25 19.44
C LEU B 230 -0.45 -37.06 18.25
N ASP B 231 -1.10 -36.88 17.11
CA ASP B 231 -0.91 -37.77 15.96
C ASP B 231 0.37 -37.55 15.16
N TYR B 232 0.84 -36.31 15.15
CA TYR B 232 2.15 -35.98 14.61
C TYR B 232 2.77 -34.81 15.36
N ILE B 233 4.08 -34.67 15.24
CA ILE B 233 4.76 -33.52 15.79
C ILE B 233 5.29 -32.66 14.63
N SER B 234 4.79 -31.43 14.52
CA SER B 234 5.22 -30.54 13.45
C SER B 234 6.19 -29.49 13.99
N LEU B 235 7.32 -29.36 13.30
CA LEU B 235 8.33 -28.36 13.65
C LEU B 235 8.65 -27.46 12.47
N HIS B 236 9.06 -26.22 12.76
CA HIS B 236 9.54 -25.29 11.75
C HIS B 236 11.05 -25.15 11.86
N ARG B 237 11.77 -25.58 10.84
CA ARG B 237 13.19 -25.29 10.79
C ARG B 237 13.65 -24.89 9.39
N LYS B 238 14.17 -23.68 9.32
CA LYS B 238 14.61 -23.08 8.08
C LYS B 238 16.12 -23.05 7.99
N GLY B 239 16.63 -23.06 6.76
CA GLY B 239 18.04 -23.33 6.52
C GLY B 239 18.97 -22.16 6.57
N ALA B 240 18.42 -20.95 6.72
CA ALA B 240 19.21 -19.72 6.66
C ALA B 240 20.23 -19.77 5.52
N ARG B 241 19.81 -20.26 4.36
CA ARG B 241 20.61 -20.32 3.12
C ARG B 241 21.33 -21.64 2.84
N SER B 242 21.48 -22.49 3.86
CA SER B 242 22.10 -23.79 3.69
C SER B 242 21.03 -24.90 3.59
N SER B 243 21.10 -25.72 2.55
CA SER B 243 20.13 -26.80 2.39
C SER B 243 20.30 -27.89 3.43
N ILE B 244 21.55 -28.29 3.67
CA ILE B 244 21.83 -29.35 4.64
C ILE B 244 21.61 -28.90 6.09
N SER B 245 21.63 -27.58 6.31
CA SER B 245 21.36 -26.99 7.62
C SER B 245 19.99 -27.43 8.15
N ILE B 246 19.02 -27.55 7.24
CA ILE B 246 17.66 -27.98 7.57
C ILE B 246 17.67 -29.37 8.21
N LEU B 247 18.19 -30.34 7.47
CA LEU B 247 18.26 -31.72 7.93
C LEU B 247 19.07 -31.84 9.23
N GLU B 248 20.19 -31.11 9.32
CA GLU B 248 21.02 -31.13 10.52
C GLU B 248 20.25 -30.66 11.75
N GLN B 249 19.48 -29.60 11.58
CA GLN B 249 18.63 -29.07 12.66
C GLN B 249 17.53 -30.01 13.04
N GLU B 250 16.93 -30.66 12.04
CA GLU B 250 15.84 -31.60 12.28
C GLU B 250 16.30 -32.79 13.12
N LYS B 251 17.47 -33.33 12.78
CA LYS B 251 18.01 -34.50 13.48
C LYS B 251 18.23 -34.22 14.97
N VAL B 252 18.64 -32.99 15.29
CA VAL B 252 18.90 -32.58 16.67
C VAL B 252 17.60 -32.60 17.46
N VAL B 253 16.58 -31.93 16.92
CA VAL B 253 15.26 -31.84 17.57
C VAL B 253 14.60 -33.20 17.69
N ALA B 254 14.62 -33.98 16.60
CA ALA B 254 14.05 -35.31 16.57
C ALA B 254 14.65 -36.22 17.65
N GLN B 255 15.98 -36.10 17.85
CA GLN B 255 16.70 -36.87 18.86
C GLN B 255 16.24 -36.53 20.28
N GLN B 256 16.04 -35.24 20.55
CA GLN B 256 15.51 -34.78 21.84
C GLN B 256 14.11 -35.31 22.13
N ILE B 257 13.26 -35.36 21.11
CA ILE B 257 11.94 -35.98 21.21
C ILE B 257 12.09 -37.48 21.55
N ARG B 258 12.96 -38.15 20.81
CA ARG B 258 13.22 -39.58 20.98
C ARG B 258 13.66 -39.92 22.41
N GLN B 259 14.58 -39.13 22.95
CA GLN B 259 15.13 -39.38 24.29
C GLN B 259 14.17 -39.02 25.42
N LEU B 260 13.51 -37.87 25.32
CA LEU B 260 12.66 -37.39 26.40
C LEU B 260 11.24 -37.99 26.40
N PHE B 261 10.71 -38.30 25.22
CA PHE B 261 9.33 -38.77 25.10
C PHE B 261 9.19 -40.12 24.38
N PRO B 262 9.57 -41.23 25.06
CA PRO B 262 9.62 -42.56 24.43
C PRO B 262 8.30 -43.07 23.84
N LYS B 263 7.17 -42.54 24.29
CA LYS B 263 5.86 -42.93 23.75
C LYS B 263 5.63 -42.29 22.38
N PHE B 264 6.45 -41.29 22.06
CA PHE B 264 6.40 -40.59 20.78
C PHE B 264 7.49 -41.06 19.81
N ALA B 265 8.16 -42.16 20.13
CA ALA B 265 9.27 -42.67 19.32
C ALA B 265 8.86 -42.94 17.88
N ASP B 266 7.64 -43.42 17.69
CA ASP B 266 7.12 -43.71 16.37
C ASP B 266 6.17 -42.64 15.85
N THR B 267 5.96 -41.58 16.63
CA THR B 267 5.09 -40.48 16.21
C THR B 267 5.69 -39.69 15.06
N PRO B 268 4.99 -39.66 13.91
CA PRO B 268 5.53 -39.03 12.70
C PRO B 268 5.87 -37.56 12.92
N ILE B 269 7.01 -37.15 12.38
CA ILE B 269 7.44 -35.75 12.43
C ILE B 269 7.25 -35.06 11.09
N TYR B 270 6.71 -33.84 11.14
CA TYR B 270 6.58 -32.97 10.00
C TYR B 270 7.49 -31.77 10.19
N ASN B 271 8.10 -31.31 9.10
CA ASN B 271 8.61 -29.95 9.02
C ASN B 271 7.82 -29.22 7.96
N ASP B 272 6.76 -28.54 8.37
CA ASP B 272 5.85 -27.93 7.41
C ASP B 272 6.16 -26.47 7.11
N GLU B 273 7.38 -26.06 7.45
CA GLU B 273 7.99 -24.83 6.93
C GLU B 273 9.51 -25.00 6.82
N ALA B 274 9.92 -25.89 5.91
CA ALA B 274 11.33 -26.23 5.73
C ALA B 274 11.99 -25.38 4.64
N ASP B 275 11.89 -24.06 4.78
CA ASP B 275 12.35 -23.13 3.75
C ASP B 275 13.87 -22.85 3.80
N PRO B 276 14.48 -22.54 2.63
CA PRO B 276 15.88 -22.12 2.59
C PRO B 276 16.18 -20.93 3.51
N LEU B 277 15.33 -19.91 3.47
CA LEU B 277 15.56 -18.69 4.23
C LEU B 277 14.27 -18.10 4.77
N VAL B 278 14.26 -17.84 6.08
CA VAL B 278 13.10 -17.23 6.75
C VAL B 278 12.81 -15.82 6.20
N GLY B 279 11.53 -15.50 6.05
CA GLY B 279 11.12 -14.19 5.55
C GLY B 279 10.75 -14.22 4.08
N TRP B 280 9.50 -14.56 3.80
CA TRP B 280 9.08 -14.85 2.43
C TRP B 280 9.13 -13.62 1.53
N SER B 281 8.80 -12.46 2.08
CA SER B 281 8.61 -11.23 1.30
C SER B 281 9.90 -10.46 1.02
N LEU B 282 10.99 -10.85 1.66
CA LEU B 282 12.28 -10.23 1.42
C LEU B 282 12.81 -10.64 0.04
N PRO B 283 12.95 -9.67 -0.88
CA PRO B 283 13.41 -10.02 -2.22
C PRO B 283 14.82 -10.61 -2.19
N GLN B 284 14.97 -11.74 -2.86
CA GLN B 284 16.25 -12.38 -3.13
C GLN B 284 16.25 -12.70 -4.63
N PRO B 285 17.34 -12.40 -5.34
CA PRO B 285 17.31 -12.72 -6.77
C PRO B 285 17.23 -14.22 -7.05
N TRP B 286 17.81 -15.06 -6.19
CA TRP B 286 17.79 -16.52 -6.38
C TRP B 286 16.40 -17.16 -6.20
N ARG B 287 15.49 -16.45 -5.52
CA ARG B 287 14.11 -16.92 -5.38
C ARG B 287 13.33 -16.82 -6.69
N ALA B 288 13.84 -16.00 -7.60
CA ALA B 288 13.13 -15.69 -8.85
C ALA B 288 13.18 -16.81 -9.91
N ASP B 289 14.23 -17.63 -9.85
CA ASP B 289 14.48 -18.58 -10.93
C ASP B 289 14.86 -20.01 -10.48
N VAL B 290 15.71 -20.67 -11.26
CA VAL B 290 16.02 -22.10 -11.11
C VAL B 290 16.90 -22.38 -9.89
N THR B 291 17.52 -21.33 -9.33
CA THR B 291 18.36 -21.51 -8.16
C THR B 291 17.54 -22.05 -6.97
N TYR B 292 16.40 -21.39 -6.72
CA TYR B 292 15.45 -21.81 -5.67
C TYR B 292 14.83 -23.17 -6.00
N ALA B 293 14.52 -23.40 -7.26
CA ALA B 293 13.90 -24.66 -7.66
C ALA B 293 14.84 -25.84 -7.40
N ALA B 294 16.09 -25.73 -7.87
CA ALA B 294 17.08 -26.78 -7.65
C ALA B 294 17.37 -27.02 -6.19
N MET B 295 17.39 -25.95 -5.39
CA MET B 295 17.63 -26.08 -3.96
C MET B 295 16.50 -26.84 -3.24
N VAL B 296 15.26 -26.58 -3.66
CA VAL B 296 14.09 -27.30 -3.17
C VAL B 296 14.26 -28.80 -3.41
N VAL B 297 14.69 -29.16 -4.62
CA VAL B 297 14.95 -30.54 -4.99
C VAL B 297 16.10 -31.12 -4.17
N LYS B 298 17.16 -30.34 -4.02
CA LYS B 298 18.33 -30.72 -3.23
C LYS B 298 17.95 -31.05 -1.79
N VAL B 299 17.13 -30.21 -1.16
CA VAL B 299 16.64 -30.46 0.20
C VAL B 299 15.85 -31.77 0.26
N ILE B 300 14.96 -31.96 -0.71
CA ILE B 300 14.14 -33.16 -0.79
C ILE B 300 15.00 -34.41 -0.99
N ALA B 301 15.95 -34.32 -1.91
CA ALA B 301 16.89 -35.41 -2.16
C ALA B 301 17.72 -35.75 -0.93
N GLN B 302 18.14 -34.72 -0.20
CA GLN B 302 18.92 -34.89 1.02
C GLN B 302 18.10 -35.62 2.08
N HIS B 303 16.83 -35.25 2.22
CA HIS B 303 15.95 -35.87 3.19
C HIS B 303 15.67 -37.32 2.87
N GLN B 304 15.61 -37.65 1.58
CA GLN B 304 15.40 -39.03 1.16
C GLN B 304 16.63 -39.93 1.35
N ASN B 305 17.75 -39.52 0.75
CA ASN B 305 18.95 -40.35 0.74
C ASN B 305 19.69 -40.40 2.07
N LEU B 306 19.51 -39.35 2.88
CA LEU B 306 20.28 -39.16 4.11
C LEU B 306 19.47 -39.31 5.41
N LEU B 307 18.20 -39.67 5.29
CA LEU B 307 17.35 -39.72 6.48
C LEU B 307 16.30 -40.82 6.42
N LEU B 308 15.63 -40.97 5.29
CA LEU B 308 14.50 -41.90 5.20
C LEU B 308 14.89 -43.26 4.66
N ALA B 309 16.03 -43.31 3.98
CA ALA B 309 16.45 -44.52 3.29
C ALA B 309 17.79 -44.98 3.79
N ASN B 310 18.01 -46.29 3.79
CA ASN B 310 19.31 -46.90 4.16
C ASN B 310 19.65 -46.74 5.63
N THR B 311 19.43 -45.53 6.15
CA THR B 311 19.76 -45.17 7.52
C THR B 311 19.19 -46.17 8.52
N THR B 312 19.99 -46.45 9.55
CA THR B 312 19.64 -47.44 10.55
C THR B 312 19.01 -46.80 11.80
N SER B 313 19.41 -45.57 12.13
CA SER B 313 18.78 -44.81 13.21
C SER B 313 17.33 -44.40 12.87
N ALA B 314 17.12 -44.04 11.59
CA ALA B 314 15.80 -43.81 10.98
C ALA B 314 14.75 -43.12 11.86
N PHE B 315 14.73 -41.79 11.82
CA PHE B 315 13.71 -40.98 12.52
C PHE B 315 12.42 -40.99 11.69
N PRO B 316 11.26 -40.89 12.36
CA PRO B 316 9.99 -41.01 11.62
C PRO B 316 9.54 -39.72 10.91
N TYR B 317 10.34 -39.25 9.96
CA TYR B 317 10.02 -38.07 9.16
C TYR B 317 8.95 -38.43 8.13
N ALA B 318 7.85 -37.68 8.09
CA ALA B 318 6.74 -38.06 7.22
C ALA B 318 6.29 -36.97 6.24
N LEU B 319 6.58 -35.71 6.56
CA LEU B 319 6.17 -34.58 5.71
C LEU B 319 7.18 -33.40 5.72
N LEU B 320 7.37 -32.80 4.55
CA LEU B 320 8.18 -31.61 4.36
C LEU B 320 7.42 -30.65 3.46
N SER B 321 7.33 -29.38 3.87
CA SER B 321 6.54 -28.40 3.13
C SER B 321 7.22 -27.04 2.99
N ASN B 322 7.42 -26.63 1.75
CA ASN B 322 7.93 -25.30 1.43
C ASN B 322 6.80 -24.30 1.50
N ASP B 323 6.89 -23.35 2.44
CA ASP B 323 5.82 -22.40 2.67
C ASP B 323 5.91 -21.30 1.61
N ASN B 324 5.48 -21.64 0.40
CA ASN B 324 5.67 -20.74 -0.75
C ASN B 324 4.42 -20.48 -1.59
N ALA B 325 3.25 -20.54 -0.97
CA ALA B 325 1.99 -20.29 -1.67
C ALA B 325 1.56 -18.80 -1.62
N PHE B 326 2.41 -17.96 -1.02
CA PHE B 326 2.20 -16.51 -0.97
C PHE B 326 2.08 -15.92 -2.37
N LEU B 327 1.48 -14.74 -2.47
CA LEU B 327 1.44 -13.99 -3.70
C LEU B 327 2.44 -12.83 -3.59
N SER B 328 3.24 -12.61 -4.62
CA SER B 328 4.24 -11.55 -4.62
C SER B 328 3.63 -10.16 -4.76
N TYR B 329 4.42 -9.14 -4.41
CA TYR B 329 4.00 -7.74 -4.49
C TYR B 329 4.90 -6.95 -5.41
N HIS B 330 4.48 -5.74 -5.79
CA HIS B 330 5.35 -4.79 -6.46
C HIS B 330 6.35 -4.22 -5.44
N PRO B 331 7.61 -4.00 -5.82
CA PRO B 331 8.21 -4.16 -7.15
C PRO B 331 9.00 -5.46 -7.36
N HIS B 332 8.72 -6.49 -6.57
CA HIS B 332 9.47 -7.74 -6.71
C HIS B 332 8.56 -8.93 -7.06
N PRO B 333 7.95 -8.90 -8.26
CA PRO B 333 6.97 -9.95 -8.57
C PRO B 333 7.61 -11.34 -8.63
N PHE B 334 8.89 -11.40 -9.01
CA PHE B 334 9.62 -12.66 -9.12
C PHE B 334 10.45 -12.99 -7.87
N ALA B 335 11.04 -11.98 -7.26
CA ALA B 335 12.08 -12.19 -6.23
C ALA B 335 11.61 -12.64 -4.84
N GLN B 336 10.31 -12.78 -4.64
CA GLN B 336 9.80 -13.22 -3.33
C GLN B 336 9.58 -14.75 -3.32
N ARG B 337 9.62 -15.35 -2.12
CA ARG B 337 9.45 -16.81 -1.97
C ARG B 337 8.01 -17.23 -2.25
N THR B 338 7.71 -17.39 -3.54
CA THR B 338 6.36 -17.68 -4.03
C THR B 338 6.44 -18.71 -5.15
N LEU B 339 5.38 -19.50 -5.31
CA LEU B 339 5.30 -20.45 -6.42
C LEU B 339 5.06 -19.72 -7.73
N THR B 340 4.22 -18.71 -7.70
CA THR B 340 3.85 -17.96 -8.89
C THR B 340 4.30 -16.51 -8.76
N ALA B 341 4.63 -15.90 -9.90
CA ALA B 341 4.95 -14.48 -9.93
C ALA B 341 3.72 -13.63 -10.34
N ARG B 342 3.26 -12.77 -9.42
CA ARG B 342 2.01 -12.02 -9.62
C ARG B 342 2.26 -10.68 -10.31
N PHE B 343 1.54 -10.48 -11.41
CA PHE B 343 1.54 -9.22 -12.13
C PHE B 343 0.17 -8.57 -12.10
N GLN B 344 0.10 -7.44 -11.39
CA GLN B 344 -1.11 -6.65 -11.30
C GLN B 344 -1.10 -5.63 -12.44
N VAL B 345 -1.80 -5.97 -13.52
CA VAL B 345 -1.88 -5.13 -14.70
C VAL B 345 -3.00 -4.13 -14.45
N ASN B 346 -2.63 -2.96 -13.94
CA ASN B 346 -3.63 -1.98 -13.51
C ASN B 346 -4.22 -1.11 -14.61
N ASN B 347 -3.50 -1.03 -15.73
CA ASN B 347 -3.82 -0.08 -16.80
C ASN B 347 -4.84 -0.57 -17.83
N THR B 348 -5.47 -1.71 -17.60
CA THR B 348 -6.55 -2.21 -18.45
C THR B 348 -7.91 -1.79 -17.88
N ARG B 349 -8.96 -1.80 -18.72
CA ARG B 349 -10.31 -1.45 -18.25
C ARG B 349 -11.19 -2.68 -18.30
N PRO B 350 -11.40 -3.35 -17.14
CA PRO B 350 -10.87 -3.08 -15.80
C PRO B 350 -9.47 -3.67 -15.59
N PRO B 351 -8.80 -3.32 -14.48
CA PRO B 351 -7.50 -3.95 -14.15
C PRO B 351 -7.66 -5.45 -13.98
N HIS B 352 -6.63 -6.19 -14.36
CA HIS B 352 -6.61 -7.65 -14.20
C HIS B 352 -5.31 -8.16 -13.58
N VAL B 353 -5.31 -9.42 -13.18
CA VAL B 353 -4.14 -10.05 -12.60
C VAL B 353 -3.61 -11.04 -13.61
N GLN B 354 -2.30 -11.28 -13.56
CA GLN B 354 -1.67 -12.30 -14.37
C GLN B 354 -0.65 -13.00 -13.50
N LEU B 355 -0.62 -14.33 -13.56
CA LEU B 355 0.37 -15.08 -12.82
C LEU B 355 1.37 -15.73 -13.77
N LEU B 356 2.61 -15.86 -13.31
CA LEU B 356 3.61 -16.57 -14.05
C LEU B 356 4.15 -17.74 -13.23
N ARG B 357 4.15 -18.90 -13.87
CA ARG B 357 4.70 -20.10 -13.27
C ARG B 357 6.23 -19.96 -13.13
N LYS B 358 6.69 -19.84 -11.90
CA LYS B 358 8.12 -19.74 -11.63
C LYS B 358 8.77 -21.13 -11.72
N PRO B 359 10.11 -21.19 -11.85
CA PRO B 359 10.82 -22.46 -11.97
C PRO B 359 10.61 -23.41 -10.79
N VAL B 360 10.44 -22.86 -9.59
CA VAL B 360 10.15 -23.67 -8.41
C VAL B 360 8.83 -24.45 -8.56
N LEU B 361 7.79 -23.81 -9.08
CA LEU B 361 6.52 -24.50 -9.33
C LEU B 361 6.70 -25.60 -10.40
N THR B 362 7.47 -25.29 -11.43
CA THR B 362 7.74 -26.22 -12.52
C THR B 362 8.47 -27.48 -12.02
N ALA B 363 9.45 -27.25 -11.15
CA ALA B 363 10.28 -28.32 -10.60
C ALA B 363 9.42 -29.31 -9.81
N MET B 364 8.33 -28.81 -9.22
CA MET B 364 7.40 -29.67 -8.50
C MET B 364 6.77 -30.71 -9.42
N GLY B 365 6.50 -30.29 -10.67
CA GLY B 365 6.00 -31.17 -11.72
C GLY B 365 7.03 -32.20 -12.14
N LEU B 366 8.30 -31.84 -12.02
CA LEU B 366 9.38 -32.79 -12.27
C LEU B 366 9.47 -33.79 -11.13
N LEU B 367 9.41 -33.30 -9.90
CA LEU B 367 9.39 -34.14 -8.70
C LEU B 367 8.20 -35.09 -8.68
N ALA B 368 7.08 -34.64 -9.25
CA ALA B 368 5.85 -35.41 -9.29
C ALA B 368 6.03 -36.72 -10.07
N LEU B 369 6.93 -36.70 -11.05
CA LEU B 369 7.17 -37.83 -11.93
C LEU B 369 7.90 -39.00 -11.28
N LEU B 370 8.41 -38.78 -10.06
CA LEU B 370 9.02 -39.86 -9.30
C LEU B 370 7.96 -40.86 -8.85
N ASP B 371 8.27 -42.14 -9.00
CA ASP B 371 7.33 -43.23 -8.70
C ASP B 371 7.61 -43.93 -7.34
N GLU B 372 6.95 -45.06 -7.09
CA GLU B 372 6.82 -45.61 -5.74
C GLU B 372 8.00 -46.38 -5.14
N GLU B 373 9.01 -46.70 -5.95
CA GLU B 373 10.18 -47.44 -5.46
C GLU B 373 11.47 -46.71 -5.75
N GLN B 374 12.40 -46.68 -4.79
CA GLN B 374 13.67 -45.99 -5.00
C GLN B 374 14.76 -46.91 -5.54
N LEU B 375 15.30 -46.52 -6.68
CA LEU B 375 16.39 -47.27 -7.32
C LEU B 375 17.72 -46.87 -6.73
N TRP B 376 18.62 -47.85 -6.63
CA TRP B 376 19.99 -47.63 -6.18
C TRP B 376 20.70 -46.70 -7.14
N ALA B 377 21.26 -45.63 -6.60
CA ALA B 377 22.04 -44.69 -7.39
C ALA B 377 23.29 -44.28 -6.63
N GLU B 378 24.35 -43.96 -7.36
CA GLU B 378 25.59 -43.49 -6.75
C GLU B 378 26.22 -42.39 -7.56
N VAL B 379 26.55 -41.30 -6.88
CA VAL B 379 27.18 -40.15 -7.51
C VAL B 379 28.63 -40.08 -7.04
N SER B 380 29.56 -40.07 -7.99
CA SER B 380 30.98 -39.96 -7.67
C SER B 380 31.73 -39.01 -8.59
N GLN B 381 32.92 -38.61 -8.16
CA GLN B 381 33.81 -37.80 -8.99
C GLN B 381 35.24 -38.25 -8.74
N ALA B 382 35.93 -38.58 -9.83
CA ALA B 382 37.28 -39.14 -9.77
C ALA B 382 37.38 -40.37 -8.84
N GLY B 383 36.25 -41.05 -8.65
CA GLY B 383 36.21 -42.23 -7.79
C GLY B 383 35.87 -41.99 -6.32
N THR B 384 35.44 -40.77 -5.98
CA THR B 384 34.99 -40.48 -4.61
C THR B 384 33.48 -40.37 -4.55
N VAL B 385 32.85 -41.30 -3.83
CA VAL B 385 31.40 -41.33 -3.64
C VAL B 385 30.94 -40.02 -2.98
N LEU B 386 29.92 -39.41 -3.57
CA LEU B 386 29.38 -38.14 -3.09
C LEU B 386 27.89 -38.29 -2.76
N ASP B 387 27.57 -38.21 -1.46
CA ASP B 387 26.18 -38.25 -1.05
C ASP B 387 25.53 -36.89 -1.26
N SER B 388 24.21 -36.82 -1.14
CA SER B 388 23.45 -35.62 -1.50
C SER B 388 23.92 -34.32 -0.82
N ASN B 389 24.65 -34.44 0.28
CA ASN B 389 25.30 -33.30 0.95
C ASN B 389 26.44 -32.75 0.10
N HIS B 390 26.20 -32.64 -1.20
CA HIS B 390 27.15 -32.10 -2.17
C HIS B 390 26.43 -31.34 -3.26
N THR B 391 27.20 -30.85 -4.22
CA THR B 391 26.71 -29.89 -5.21
C THR B 391 25.86 -30.52 -6.34
N VAL B 392 26.02 -31.84 -6.53
CA VAL B 392 25.29 -32.60 -7.54
C VAL B 392 24.75 -33.86 -6.86
N GLY B 393 23.48 -34.17 -7.11
CA GLY B 393 22.89 -35.39 -6.57
C GLY B 393 21.82 -35.94 -7.49
N VAL B 394 21.10 -36.95 -7.01
CA VAL B 394 20.16 -37.68 -7.84
C VAL B 394 19.07 -38.40 -7.04
N LEU B 395 17.87 -38.46 -7.62
CA LEU B 395 16.84 -39.38 -7.14
C LEU B 395 16.37 -40.25 -8.30
N ALA B 396 16.39 -41.56 -8.10
CA ALA B 396 15.99 -42.51 -9.12
C ALA B 396 14.87 -43.42 -8.59
N SER B 397 13.76 -43.45 -9.32
CA SER B 397 12.61 -44.23 -8.92
C SER B 397 12.20 -45.18 -10.02
N ALA B 398 11.47 -46.23 -9.65
CA ALA B 398 10.90 -47.15 -10.60
C ALA B 398 9.42 -47.37 -10.28
N HIS B 399 8.68 -47.84 -11.27
CA HIS B 399 7.26 -48.12 -11.12
C HIS B 399 6.96 -49.58 -11.47
N ARG B 400 6.38 -50.29 -10.51
CA ARG B 400 5.84 -51.61 -10.77
C ARG B 400 4.53 -51.41 -11.53
N PRO B 401 4.45 -51.96 -12.76
CA PRO B 401 3.23 -51.82 -13.54
C PRO B 401 2.09 -52.61 -12.93
N GLN B 402 0.86 -52.22 -13.25
CA GLN B 402 -0.31 -52.97 -12.82
C GLN B 402 -1.51 -52.69 -13.74
N GLY B 403 -1.58 -53.40 -14.86
CA GLY B 403 -2.69 -53.25 -15.79
C GLY B 403 -2.33 -52.81 -17.20
N PRO B 404 -3.26 -53.02 -18.15
CA PRO B 404 -3.09 -52.68 -19.58
C PRO B 404 -2.87 -51.18 -19.90
N ALA B 405 -3.32 -50.29 -19.01
CA ALA B 405 -3.13 -48.84 -19.19
C ALA B 405 -1.86 -48.33 -18.47
N ASP B 406 -1.00 -49.27 -18.10
CA ASP B 406 0.18 -49.02 -17.26
C ASP B 406 1.34 -49.95 -17.62
N ALA B 407 2.55 -49.43 -17.53
CA ALA B 407 3.76 -50.18 -17.85
C ALA B 407 4.92 -49.76 -16.97
N TRP B 408 6.04 -50.48 -17.05
CA TRP B 408 7.25 -50.14 -16.30
C TRP B 408 7.73 -48.72 -16.61
N ARG B 409 8.11 -47.99 -15.57
CA ARG B 409 8.66 -46.64 -15.69
C ARG B 409 9.83 -46.49 -14.73
N ALA B 410 10.76 -45.63 -15.12
CA ALA B 410 11.80 -45.20 -14.21
C ALA B 410 12.07 -43.73 -14.44
N ALA B 411 12.15 -42.97 -13.34
CA ALA B 411 12.50 -41.57 -13.43
C ALA B 411 13.82 -41.30 -12.71
N VAL B 412 14.69 -40.56 -13.37
CA VAL B 412 15.95 -40.14 -12.80
C VAL B 412 16.03 -38.61 -12.80
N LEU B 413 15.97 -38.04 -11.60
CA LEU B 413 16.07 -36.61 -11.40
C LEU B 413 17.43 -36.23 -10.84
N ILE B 414 18.18 -35.44 -11.62
CA ILE B 414 19.51 -34.97 -11.23
C ILE B 414 19.48 -33.46 -11.00
N TYR B 415 20.03 -33.03 -9.87
CA TYR B 415 20.13 -31.62 -9.58
C TYR B 415 21.58 -31.15 -9.58
N ALA B 416 21.79 -29.92 -10.03
CA ALA B 416 23.05 -29.23 -9.82
C ALA B 416 22.74 -27.99 -9.00
N SER B 417 23.13 -27.96 -7.73
CA SER B 417 22.81 -26.82 -6.87
C SER B 417 23.83 -26.48 -5.77
N ASP B 418 24.33 -25.25 -5.83
CA ASP B 418 25.12 -24.67 -4.75
C ASP B 418 24.23 -23.77 -3.88
N ASP B 419 23.16 -24.36 -3.36
CA ASP B 419 22.19 -23.68 -2.51
C ASP B 419 21.60 -22.39 -3.12
N THR B 420 21.92 -21.24 -2.53
CA THR B 420 21.44 -19.95 -3.04
C THR B 420 22.50 -19.26 -3.92
N ARG B 421 23.53 -20.01 -4.30
CA ARG B 421 24.58 -19.49 -5.18
C ARG B 421 24.42 -20.03 -6.60
N ALA B 422 24.35 -19.12 -7.57
CA ALA B 422 24.39 -19.44 -8.99
C ALA B 422 25.80 -19.19 -9.52
N HIS B 423 26.22 -20.00 -10.49
CA HIS B 423 27.54 -19.86 -11.11
C HIS B 423 27.40 -19.88 -12.64
N PRO B 424 27.01 -18.73 -13.22
CA PRO B 424 26.63 -18.60 -14.63
C PRO B 424 27.70 -19.04 -15.63
N ASN B 425 28.96 -19.10 -15.21
CA ASN B 425 30.03 -19.54 -16.09
C ASN B 425 30.31 -21.04 -16.00
N ARG B 426 30.29 -21.56 -14.77
CA ARG B 426 30.62 -22.95 -14.50
C ARG B 426 29.71 -23.92 -15.26
N SER B 427 30.34 -24.92 -15.89
CA SER B 427 29.62 -26.00 -16.58
C SER B 427 30.00 -27.34 -15.98
N VAL B 428 29.00 -28.10 -15.58
CA VAL B 428 29.23 -29.38 -14.90
C VAL B 428 29.04 -30.56 -15.86
N ALA B 429 30.15 -31.23 -16.17
CA ALA B 429 30.11 -32.43 -16.99
C ALA B 429 29.58 -33.59 -16.14
N VAL B 430 28.53 -34.25 -16.62
CA VAL B 430 27.97 -35.41 -15.94
C VAL B 430 27.88 -36.60 -16.90
N THR B 431 28.26 -37.78 -16.42
CA THR B 431 28.10 -39.03 -17.18
C THR B 431 27.10 -39.93 -16.47
N LEU B 432 25.93 -40.10 -17.09
CA LEU B 432 24.87 -40.92 -16.53
C LEU B 432 24.91 -42.30 -17.14
N ARG B 433 25.20 -43.30 -16.29
CA ARG B 433 25.19 -44.68 -16.70
C ARG B 433 23.97 -45.36 -16.09
N LEU B 434 23.01 -45.73 -16.94
CA LEU B 434 21.82 -46.42 -16.49
C LEU B 434 21.87 -47.88 -16.91
N ARG B 435 21.86 -48.78 -15.93
CA ARG B 435 21.97 -50.21 -16.22
C ARG B 435 20.82 -50.97 -15.60
N GLY B 436 20.66 -52.23 -16.01
CA GLY B 436 19.66 -53.11 -15.44
C GLY B 436 18.21 -52.81 -15.79
N VAL B 437 17.99 -52.11 -16.90
CA VAL B 437 16.63 -51.78 -17.37
C VAL B 437 15.92 -53.04 -17.87
N PRO B 438 14.84 -53.45 -17.18
CA PRO B 438 14.15 -54.71 -17.52
C PRO B 438 13.49 -54.69 -18.90
N PRO B 439 13.52 -55.83 -19.62
CA PRO B 439 12.87 -55.94 -20.92
C PRO B 439 11.44 -55.46 -20.86
N GLY B 440 10.99 -54.84 -21.94
CA GLY B 440 9.64 -54.30 -22.02
C GLY B 440 9.37 -53.76 -23.41
N PRO B 441 8.08 -53.64 -23.78
CA PRO B 441 7.73 -53.21 -25.12
C PRO B 441 7.96 -51.73 -25.35
N GLY B 442 8.41 -51.37 -26.55
CA GLY B 442 8.60 -49.97 -26.96
C GLY B 442 9.27 -49.05 -25.95
N LEU B 443 10.35 -49.53 -25.32
CA LEU B 443 11.10 -48.75 -24.35
C LEU B 443 11.67 -47.47 -24.96
N VAL B 444 11.25 -46.33 -24.41
CA VAL B 444 11.72 -44.99 -24.83
C VAL B 444 12.25 -44.17 -23.65
N TYR B 445 13.07 -43.18 -23.94
CA TYR B 445 13.51 -42.23 -22.91
C TYR B 445 13.31 -40.78 -23.36
N VAL B 446 12.86 -39.95 -22.42
CA VAL B 446 12.59 -38.53 -22.65
C VAL B 446 13.26 -37.69 -21.58
N THR B 447 14.03 -36.70 -22.02
CA THR B 447 14.75 -35.82 -21.10
C THR B 447 14.04 -34.49 -20.96
N ARG B 448 13.96 -34.00 -19.72
CA ARG B 448 13.44 -32.67 -19.43
C ARG B 448 14.48 -31.87 -18.64
N TYR B 449 14.64 -30.61 -19.03
CA TYR B 449 15.77 -29.81 -18.53
C TYR B 449 15.40 -28.38 -18.17
N LEU B 450 15.94 -27.90 -17.03
CA LEU B 450 15.76 -26.52 -16.57
C LEU B 450 17.08 -25.84 -16.17
N ASP B 451 17.34 -24.66 -16.71
CA ASP B 451 18.39 -23.75 -16.19
C ASP B 451 18.00 -22.29 -16.40
N ASN B 452 18.77 -21.38 -15.80
CA ASN B 452 18.47 -19.94 -15.84
C ASN B 452 18.57 -19.32 -17.22
N GLY B 453 19.42 -19.90 -18.06
CA GLY B 453 19.59 -19.43 -19.42
C GLY B 453 18.39 -19.76 -20.28
N LEU B 454 17.88 -20.97 -20.13
CA LEU B 454 16.86 -21.49 -21.06
C LEU B 454 15.39 -21.34 -20.63
N CYS B 455 15.11 -21.55 -19.35
CA CYS B 455 13.74 -21.48 -18.86
C CYS B 455 13.56 -20.71 -17.55
N SER B 456 13.85 -19.42 -17.61
CA SER B 456 13.65 -18.50 -16.48
C SER B 456 12.81 -17.30 -16.94
N PRO B 457 11.50 -17.30 -16.62
CA PRO B 457 10.66 -16.18 -17.06
C PRO B 457 11.06 -14.88 -16.41
N ASP B 458 11.76 -14.95 -15.28
CA ASP B 458 12.37 -13.79 -14.63
C ASP B 458 13.39 -13.18 -15.58
N GLY B 459 14.31 -14.02 -16.06
CA GLY B 459 15.35 -13.61 -16.99
C GLY B 459 14.80 -12.98 -18.25
N GLU B 460 13.66 -13.50 -18.73
CA GLU B 460 13.00 -12.97 -19.91
C GLU B 460 12.35 -11.61 -19.63
N TRP B 461 11.92 -11.43 -18.39
CA TRP B 461 11.27 -10.20 -17.95
C TRP B 461 12.29 -9.06 -17.86
N ARG B 462 13.46 -9.35 -17.31
CA ARG B 462 14.52 -8.35 -17.17
C ARG B 462 15.13 -8.00 -18.52
N ARG B 463 15.20 -9.00 -19.41
CA ARG B 463 15.64 -8.79 -20.78
C ARG B 463 14.67 -7.89 -21.54
N LEU B 464 13.40 -7.92 -21.15
CA LEU B 464 12.39 -7.07 -21.79
C LEU B 464 12.36 -5.65 -21.22
N GLY B 465 13.15 -5.42 -20.16
CA GLY B 465 13.22 -4.10 -19.52
C GLY B 465 12.38 -3.99 -18.27
N ARG B 466 12.07 -5.13 -17.66
CA ARG B 466 11.32 -5.21 -16.41
C ARG B 466 9.98 -4.46 -16.41
N PRO B 467 9.19 -4.59 -17.50
CA PRO B 467 7.96 -3.78 -17.59
C PRO B 467 7.04 -3.97 -16.38
N VAL B 468 6.65 -2.87 -15.75
CA VAL B 468 5.80 -2.92 -14.57
C VAL B 468 4.40 -3.44 -14.94
N PHE B 469 3.83 -2.94 -16.05
CA PHE B 469 2.66 -3.57 -16.67
C PHE B 469 3.02 -4.16 -18.03
N PRO B 470 3.46 -5.43 -18.07
CA PRO B 470 3.85 -6.03 -19.35
C PRO B 470 2.72 -6.05 -20.36
N THR B 471 3.07 -5.84 -21.63
CA THR B 471 2.11 -5.91 -22.73
C THR B 471 1.69 -7.36 -22.95
N ALA B 472 0.53 -7.56 -23.56
CA ALA B 472 0.09 -8.92 -23.89
C ALA B 472 1.22 -9.71 -24.59
N GLU B 473 1.89 -9.05 -25.55
CA GLU B 473 3.02 -9.64 -26.25
C GLU B 473 4.19 -9.99 -25.32
N GLN B 474 4.45 -9.14 -24.33
CA GLN B 474 5.53 -9.39 -23.38
C GLN B 474 5.25 -10.61 -22.49
N PHE B 475 3.98 -10.85 -22.17
CA PHE B 475 3.60 -11.99 -21.34
C PHE B 475 3.81 -13.29 -22.12
N ARG B 476 3.43 -13.28 -23.40
CA ARG B 476 3.61 -14.43 -24.26
C ARG B 476 5.09 -14.83 -24.28
N ARG B 477 5.96 -13.82 -24.34
CA ARG B 477 7.39 -14.01 -24.34
C ARG B 477 7.89 -14.63 -23.04
N MET B 478 7.41 -14.11 -21.92
CA MET B 478 7.84 -14.56 -20.60
C MET B 478 7.37 -15.98 -20.30
N ARG B 479 6.17 -16.33 -20.76
CA ARG B 479 5.57 -17.64 -20.50
C ARG B 479 6.20 -18.72 -21.37
N ALA B 480 6.86 -18.30 -22.44
CA ALA B 480 7.59 -19.21 -23.31
C ALA B 480 8.77 -19.84 -22.56
N ALA B 481 9.11 -19.28 -21.41
CA ALA B 481 10.23 -19.75 -20.60
C ALA B 481 9.80 -20.51 -19.34
N GLU B 482 8.51 -20.82 -19.24
CA GLU B 482 7.98 -21.55 -18.08
C GLU B 482 8.42 -23.01 -18.07
N ASP B 483 7.99 -23.75 -19.11
CA ASP B 483 8.20 -25.19 -19.21
C ASP B 483 9.67 -25.58 -19.37
N PRO B 484 10.01 -26.85 -19.04
CA PRO B 484 11.40 -27.27 -19.25
C PRO B 484 11.67 -27.59 -20.73
N VAL B 485 12.95 -27.72 -21.10
CA VAL B 485 13.32 -28.10 -22.46
C VAL B 485 13.22 -29.61 -22.59
N ALA B 486 12.33 -30.04 -23.47
CA ALA B 486 12.06 -31.46 -23.66
C ALA B 486 12.53 -31.93 -25.02
N ALA B 487 13.40 -32.93 -25.04
CA ALA B 487 13.74 -33.65 -26.26
C ALA B 487 12.65 -34.70 -26.51
N ALA B 488 12.35 -34.95 -27.79
CA ALA B 488 11.32 -35.93 -28.14
C ALA B 488 11.66 -37.36 -27.68
N PRO B 489 10.66 -38.28 -27.70
CA PRO B 489 10.94 -39.64 -27.26
C PRO B 489 11.89 -40.37 -28.18
N ARG B 490 12.97 -40.90 -27.62
CA ARG B 490 13.95 -41.68 -28.35
C ARG B 490 13.83 -43.14 -27.91
N PRO B 491 13.97 -44.09 -28.86
CA PRO B 491 14.05 -45.49 -28.45
C PRO B 491 15.35 -45.73 -27.69
N LEU B 492 15.25 -46.52 -26.63
CA LEU B 492 16.38 -46.94 -25.80
C LEU B 492 17.35 -47.77 -26.64
N PRO B 493 18.66 -47.72 -26.33
CA PRO B 493 19.58 -48.63 -27.04
C PRO B 493 19.19 -50.10 -26.83
N ALA B 494 19.63 -50.97 -27.73
CA ALA B 494 19.46 -52.41 -27.55
C ALA B 494 20.31 -52.85 -26.35
N GLY B 495 19.83 -53.87 -25.62
CA GLY B 495 20.45 -54.25 -24.34
C GLY B 495 19.86 -53.44 -23.19
N GLY B 496 20.35 -53.69 -21.98
CA GLY B 496 19.75 -53.08 -20.79
C GLY B 496 20.20 -51.68 -20.40
N ARG B 497 20.94 -50.99 -21.28
CA ARG B 497 21.72 -49.82 -20.88
C ARG B 497 21.42 -48.52 -21.64
N LEU B 498 21.53 -47.40 -20.92
CA LEU B 498 21.51 -46.06 -21.52
C LEU B 498 22.59 -45.19 -20.89
N THR B 499 23.41 -44.57 -21.72
CA THR B 499 24.49 -43.72 -21.22
C THR B 499 24.46 -42.35 -21.90
N LEU B 500 24.22 -41.31 -21.12
CA LEU B 500 24.17 -39.95 -21.64
C LEU B 500 25.24 -39.10 -20.97
N ARG B 501 25.78 -38.16 -21.72
CA ARG B 501 26.74 -37.20 -21.18
C ARG B 501 26.27 -35.78 -21.41
N PRO B 502 25.41 -35.24 -20.50
CA PRO B 502 24.95 -33.86 -20.60
C PRO B 502 25.80 -32.88 -19.77
N ALA B 503 25.99 -31.68 -20.31
CA ALA B 503 26.67 -30.61 -19.58
C ALA B 503 25.61 -29.77 -18.87
N LEU B 504 25.53 -29.92 -17.56
CA LEU B 504 24.55 -29.20 -16.75
C LEU B 504 25.05 -27.82 -16.37
N ARG B 505 24.14 -26.88 -16.13
CA ARG B 505 24.52 -25.59 -15.58
C ARG B 505 24.31 -25.59 -14.06
N LEU B 506 24.67 -24.49 -13.42
CA LEU B 506 24.66 -24.39 -11.96
C LEU B 506 24.00 -23.06 -11.59
N PRO B 507 22.67 -23.07 -11.38
CA PRO B 507 21.79 -24.22 -11.19
C PRO B 507 21.25 -24.88 -12.47
N SER B 508 20.84 -26.13 -12.32
CA SER B 508 20.11 -26.88 -13.35
C SER B 508 19.42 -28.12 -12.77
N LEU B 509 18.36 -28.55 -13.45
CA LEU B 509 17.69 -29.80 -13.16
C LEU B 509 17.50 -30.57 -14.45
N LEU B 510 17.84 -31.86 -14.43
CA LEU B 510 17.55 -32.74 -15.56
C LEU B 510 16.78 -33.96 -15.11
N LEU B 511 15.65 -34.23 -15.77
CA LEU B 511 14.89 -35.43 -15.49
C LEU B 511 14.88 -36.36 -16.70
N VAL B 512 15.53 -37.52 -16.54
CA VAL B 512 15.52 -38.55 -17.57
C VAL B 512 14.38 -39.50 -17.26
N HIS B 513 13.43 -39.57 -18.16
CA HIS B 513 12.25 -40.41 -17.98
C HIS B 513 12.34 -41.57 -18.95
N VAL B 514 12.46 -42.79 -18.43
CA VAL B 514 12.46 -44.00 -19.25
C VAL B 514 11.14 -44.73 -19.05
N CYS B 515 10.39 -44.92 -20.14
N CYS B 515 10.39 -44.88 -20.15
CA CYS B 515 9.09 -45.55 -20.06
CA CYS B 515 9.07 -45.51 -20.11
C CYS B 515 8.91 -46.70 -21.03
C CYS B 515 8.99 -46.75 -21.01
N ALA B 516 8.24 -47.75 -20.56
CA ALA B 516 7.85 -48.87 -21.39
C ALA B 516 6.43 -48.59 -21.90
N ARG B 517 6.03 -49.23 -22.99
CA ARG B 517 4.78 -48.91 -23.68
C ARG B 517 3.56 -49.65 -23.14
N PRO B 518 2.64 -48.92 -22.46
CA PRO B 518 1.38 -49.53 -21.99
C PRO B 518 0.58 -50.14 -23.13
N GLU B 519 -0.18 -51.18 -22.83
CA GLU B 519 -0.94 -51.87 -23.86
C GLU B 519 -2.00 -50.95 -24.45
N LYS B 520 -2.69 -50.24 -23.56
CA LYS B 520 -3.73 -49.29 -23.96
C LYS B 520 -3.25 -47.84 -23.87
N PRO B 521 -3.97 -46.91 -24.51
CA PRO B 521 -3.59 -45.50 -24.51
C PRO B 521 -4.11 -44.75 -23.26
N PRO B 522 -3.69 -43.49 -23.08
CA PRO B 522 -4.11 -42.66 -21.95
C PRO B 522 -5.63 -42.46 -21.81
N GLY B 523 -6.06 -42.15 -20.59
CA GLY B 523 -7.47 -41.92 -20.30
C GLY B 523 -7.94 -40.52 -20.63
N GLN B 524 -9.15 -40.21 -20.20
CA GLN B 524 -9.78 -38.95 -20.56
C GLN B 524 -9.37 -37.84 -19.62
N VAL B 525 -9.06 -36.68 -20.20
CA VAL B 525 -8.91 -35.44 -19.44
C VAL B 525 -10.27 -35.06 -18.85
N THR B 526 -10.30 -34.79 -17.54
CA THR B 526 -11.54 -34.41 -16.87
C THR B 526 -11.47 -33.02 -16.23
N ARG B 527 -12.65 -32.48 -15.91
CA ARG B 527 -12.81 -31.20 -15.19
C ARG B 527 -12.16 -30.01 -15.90
N LEU B 528 -12.32 -29.95 -17.21
CA LEU B 528 -11.87 -28.80 -17.98
C LEU B 528 -12.73 -27.61 -17.61
N ARG B 529 -12.12 -26.44 -17.50
CA ARG B 529 -12.83 -25.17 -17.31
C ARG B 529 -12.04 -23.99 -17.85
N ALA B 530 -12.75 -22.97 -18.30
CA ALA B 530 -12.14 -21.76 -18.84
C ALA B 530 -12.44 -20.55 -17.96
N LEU B 531 -11.42 -20.06 -17.26
CA LEU B 531 -11.55 -18.89 -16.39
C LEU B 531 -11.00 -17.64 -17.09
N PRO B 532 -11.80 -16.55 -17.12
CA PRO B 532 -11.41 -15.32 -17.83
C PRO B 532 -10.20 -14.63 -17.22
N LEU B 533 -9.34 -14.06 -18.07
CA LEU B 533 -8.22 -13.27 -17.57
C LEU B 533 -8.43 -11.78 -17.80
N THR B 534 -8.69 -11.44 -19.07
CA THR B 534 -8.86 -10.06 -19.52
C THR B 534 -9.41 -10.17 -20.94
N GLN B 535 -9.83 -9.06 -21.52
CA GLN B 535 -10.34 -9.09 -22.89
C GLN B 535 -9.28 -9.68 -23.83
N GLY B 536 -9.63 -10.79 -24.48
CA GLY B 536 -8.73 -11.47 -25.41
C GLY B 536 -7.92 -12.62 -24.85
N GLN B 537 -8.00 -12.83 -23.53
CA GLN B 537 -7.21 -13.87 -22.84
C GLN B 537 -8.03 -14.71 -21.87
N LEU B 538 -7.63 -15.96 -21.69
CA LEU B 538 -8.22 -16.83 -20.66
C LEU B 538 -7.26 -17.92 -20.22
N VAL B 539 -7.52 -18.49 -19.04
CA VAL B 539 -6.78 -19.66 -18.55
C VAL B 539 -7.66 -20.92 -18.65
N LEU B 540 -7.07 -22.02 -19.13
CA LEU B 540 -7.73 -23.32 -19.17
C LEU B 540 -7.12 -24.21 -18.11
N VAL B 541 -7.96 -24.72 -17.21
CA VAL B 541 -7.49 -25.65 -16.18
C VAL B 541 -8.23 -26.97 -16.31
N TRP B 542 -7.49 -28.06 -16.11
CA TRP B 542 -8.06 -29.40 -16.17
C TRP B 542 -7.36 -30.33 -15.18
N SER B 543 -7.92 -31.52 -15.00
CA SER B 543 -7.37 -32.51 -14.08
C SER B 543 -6.90 -33.73 -14.82
N ASP B 544 -5.83 -34.34 -14.33
CA ASP B 544 -5.33 -35.58 -14.92
C ASP B 544 -5.61 -36.79 -14.02
N GLU B 545 -6.76 -36.74 -13.32
CA GLU B 545 -7.17 -37.80 -12.39
C GLU B 545 -7.42 -39.15 -13.07
N HIS B 546 -7.76 -39.13 -14.36
CA HIS B 546 -8.09 -40.38 -15.07
C HIS B 546 -7.28 -40.65 -16.32
N VAL B 547 -6.18 -39.93 -16.51
CA VAL B 547 -5.38 -40.08 -17.72
C VAL B 547 -4.52 -41.34 -17.68
N GLY B 548 -4.41 -41.97 -16.52
CA GLY B 548 -3.67 -43.21 -16.41
C GLY B 548 -2.19 -42.94 -16.18
N SER B 549 -1.38 -43.33 -17.17
CA SER B 549 0.08 -43.31 -17.05
C SER B 549 0.73 -41.91 -16.93
N LYS B 550 2.00 -41.90 -16.53
CA LYS B 550 2.81 -40.66 -16.46
C LYS B 550 3.72 -40.46 -17.69
N CYS B 551 3.60 -41.37 -18.66
N CYS B 551 3.63 -41.36 -18.66
CA CYS B 551 4.37 -41.26 -19.90
CA CYS B 551 4.40 -41.24 -19.89
C CYS B 551 3.65 -40.32 -20.87
C CYS B 551 3.69 -40.31 -20.88
N LEU B 552 3.55 -39.06 -20.49
CA LEU B 552 2.88 -38.06 -21.32
C LEU B 552 3.84 -37.03 -21.91
N TRP B 553 3.61 -36.71 -23.18
CA TRP B 553 4.41 -35.70 -23.87
C TRP B 553 3.84 -34.30 -23.67
N THR B 554 2.54 -34.14 -23.94
CA THR B 554 1.86 -32.86 -23.79
C THR B 554 0.35 -33.06 -23.73
N TYR B 555 -0.38 -31.96 -23.56
CA TYR B 555 -1.83 -31.97 -23.72
C TYR B 555 -2.17 -31.13 -24.91
N GLU B 556 -2.72 -31.74 -25.96
CA GLU B 556 -3.21 -30.99 -27.10
C GLU B 556 -4.48 -30.26 -26.72
N ILE B 557 -4.49 -28.95 -26.95
CA ILE B 557 -5.67 -28.15 -26.72
C ILE B 557 -6.26 -27.85 -28.08
N GLN B 558 -7.58 -27.96 -28.18
CA GLN B 558 -8.27 -27.63 -29.41
C GLN B 558 -9.31 -26.56 -29.15
N PHE B 559 -9.57 -25.77 -30.19
CA PHE B 559 -10.42 -24.58 -30.11
C PHE B 559 -11.32 -24.52 -31.32
N SER B 560 -12.59 -24.18 -31.08
CA SER B 560 -13.57 -24.11 -32.15
C SER B 560 -14.44 -22.85 -32.11
N GLN B 561 -14.08 -21.87 -32.92
CA GLN B 561 -14.93 -20.71 -33.16
C GLN B 561 -16.11 -21.15 -34.03
N ASP B 562 -17.27 -20.53 -33.80
CA ASP B 562 -18.48 -20.80 -34.61
C ASP B 562 -18.89 -22.28 -34.63
N GLY B 563 -18.69 -22.96 -33.50
CA GLY B 563 -19.06 -24.38 -33.32
C GLY B 563 -18.58 -25.38 -34.37
N LYS B 564 -17.94 -24.88 -35.43
CA LYS B 564 -17.60 -25.70 -36.60
C LYS B 564 -16.38 -26.63 -36.46
N ALA B 565 -15.23 -26.20 -36.96
CA ALA B 565 -14.03 -27.05 -37.02
C ALA B 565 -13.08 -26.79 -35.86
N TYR B 566 -12.76 -27.85 -35.11
CA TYR B 566 -11.78 -27.76 -34.04
C TYR B 566 -10.39 -27.65 -34.62
N THR B 567 -9.62 -26.69 -34.12
CA THR B 567 -8.25 -26.47 -34.56
C THR B 567 -7.30 -26.65 -33.38
N PRO B 568 -6.14 -27.30 -33.61
CA PRO B 568 -5.13 -27.39 -32.56
C PRO B 568 -4.54 -26.03 -32.25
N VAL B 569 -4.13 -25.85 -31.00
CA VAL B 569 -3.48 -24.62 -30.58
C VAL B 569 -1.98 -24.91 -30.49
N SER B 570 -1.21 -24.34 -31.42
CA SER B 570 0.24 -24.46 -31.43
C SER B 570 0.82 -23.93 -30.12
N ARG B 571 1.66 -24.75 -29.48
CA ARG B 571 2.30 -24.34 -28.23
C ARG B 571 3.39 -25.29 -27.79
N LYS B 572 4.28 -24.78 -26.95
CA LYS B 572 5.32 -25.58 -26.28
C LYS B 572 4.76 -26.86 -25.64
N PRO B 573 5.56 -27.95 -25.64
CA PRO B 573 5.17 -29.18 -24.94
C PRO B 573 5.13 -28.97 -23.41
N SER B 574 4.04 -29.43 -22.79
CA SER B 574 3.80 -29.19 -21.36
C SER B 574 2.83 -30.21 -20.77
N THR B 575 3.24 -30.83 -19.67
CA THR B 575 2.33 -31.71 -18.94
C THR B 575 1.67 -31.02 -17.75
N PHE B 576 2.02 -29.75 -17.52
CA PHE B 576 1.31 -28.90 -16.54
C PHE B 576 -0.19 -28.75 -16.88
N ASN B 577 -1.05 -29.06 -15.91
CA ASN B 577 -2.51 -29.15 -16.14
C ASN B 577 -3.20 -27.78 -16.23
N LEU B 578 -2.55 -26.84 -16.90
CA LEU B 578 -3.05 -25.47 -17.00
C LEU B 578 -2.30 -24.72 -18.09
N PHE B 579 -3.07 -24.02 -18.93
CA PHE B 579 -2.50 -23.23 -20.03
C PHE B 579 -3.21 -21.90 -20.19
N VAL B 580 -2.41 -20.83 -20.30
CA VAL B 580 -2.93 -19.49 -20.52
C VAL B 580 -3.08 -19.27 -22.02
N PHE B 581 -4.30 -19.02 -22.47
CA PHE B 581 -4.58 -18.85 -23.90
C PHE B 581 -4.68 -17.38 -24.28
N SER B 582 -3.64 -16.91 -24.97
CA SER B 582 -3.52 -15.51 -25.34
C SER B 582 -3.23 -15.38 -26.84
N PRO B 583 -4.26 -15.66 -27.69
CA PRO B 583 -4.09 -15.58 -29.14
C PRO B 583 -3.79 -14.15 -29.60
N ASP B 584 -2.97 -14.01 -30.63
CA ASP B 584 -2.59 -12.70 -31.17
C ASP B 584 -3.80 -11.91 -31.67
N THR B 585 -4.75 -12.61 -32.30
CA THR B 585 -5.96 -11.98 -32.82
C THR B 585 -6.92 -11.59 -31.70
N GLY B 586 -6.82 -12.28 -30.57
CA GLY B 586 -7.70 -12.03 -29.43
C GLY B 586 -9.02 -12.78 -29.47
N ALA B 587 -9.13 -13.75 -30.38
CA ALA B 587 -10.36 -14.56 -30.52
C ALA B 587 -10.36 -15.74 -29.55
N VAL B 588 -11.23 -15.68 -28.54
CA VAL B 588 -11.27 -16.68 -27.47
C VAL B 588 -12.63 -17.32 -27.29
N SER B 589 -13.66 -16.68 -27.83
CA SER B 589 -15.04 -17.20 -27.76
C SER B 589 -15.23 -18.41 -28.67
N GLY B 590 -15.82 -19.47 -28.11
CA GLY B 590 -16.05 -20.71 -28.85
C GLY B 590 -16.10 -21.92 -27.93
N SER B 591 -15.46 -23.02 -28.36
CA SER B 591 -15.38 -24.23 -27.52
C SER B 591 -13.97 -24.81 -27.44
N TYR B 592 -13.64 -25.35 -26.27
CA TYR B 592 -12.32 -25.93 -26.04
C TYR B 592 -12.41 -27.40 -25.62
N ARG B 593 -11.47 -28.19 -26.11
CA ARG B 593 -11.32 -29.56 -25.62
C ARG B 593 -9.84 -29.91 -25.49
N VAL B 594 -9.53 -30.71 -24.48
CA VAL B 594 -8.14 -31.09 -24.21
C VAL B 594 -8.02 -32.61 -24.16
N ARG B 595 -6.91 -33.14 -24.68
CA ARG B 595 -6.61 -34.57 -24.58
C ARG B 595 -5.13 -34.85 -24.30
N ALA B 596 -4.88 -36.02 -23.69
CA ALA B 596 -3.52 -36.47 -23.41
C ALA B 596 -2.83 -36.99 -24.66
N LEU B 597 -1.51 -36.84 -24.71
CA LEU B 597 -0.69 -37.43 -25.76
C LEU B 597 0.52 -38.12 -25.15
N ASP B 598 0.61 -39.44 -25.30
CA ASP B 598 1.70 -40.20 -24.70
C ASP B 598 3.00 -40.17 -25.53
N TYR B 599 4.02 -40.87 -25.05
CA TYR B 599 5.33 -40.88 -25.70
C TYR B 599 5.35 -41.52 -27.09
N TRP B 600 4.25 -42.21 -27.42
CA TRP B 600 4.17 -42.99 -28.66
C TRP B 600 3.13 -42.42 -29.63
N ALA B 601 2.83 -41.13 -29.46
CA ALA B 601 1.88 -40.39 -30.29
C ALA B 601 0.43 -40.91 -30.20
N ARG B 602 0.13 -41.70 -29.19
CA ARG B 602 -1.23 -42.16 -28.98
C ARG B 602 -2.00 -41.12 -28.18
N PRO B 603 -3.15 -40.67 -28.72
CA PRO B 603 -3.99 -39.72 -28.01
C PRO B 603 -4.92 -40.41 -27.03
N GLY B 604 -5.14 -39.78 -25.88
CA GLY B 604 -6.24 -40.20 -25.01
C GLY B 604 -7.51 -39.61 -25.59
N PRO B 605 -8.69 -40.07 -25.11
CA PRO B 605 -9.90 -39.45 -25.66
C PRO B 605 -10.00 -38.00 -25.20
N PHE B 606 -10.67 -37.17 -25.99
CA PHE B 606 -10.90 -35.78 -25.63
C PHE B 606 -11.76 -35.66 -24.38
N SER B 607 -11.46 -34.64 -23.58
CA SER B 607 -12.35 -34.19 -22.50
C SER B 607 -13.66 -33.70 -23.12
N ASP B 608 -14.70 -33.60 -22.29
CA ASP B 608 -15.92 -32.95 -22.73
C ASP B 608 -15.59 -31.54 -23.22
N PRO B 609 -16.26 -31.08 -24.30
CA PRO B 609 -16.10 -29.70 -24.72
C PRO B 609 -16.53 -28.70 -23.64
N VAL B 610 -15.78 -27.61 -23.49
CA VAL B 610 -16.14 -26.52 -22.57
C VAL B 610 -16.33 -25.22 -23.35
N PRO B 611 -17.56 -24.67 -23.32
CA PRO B 611 -17.87 -23.47 -24.10
C PRO B 611 -17.47 -22.20 -23.34
N TYR B 612 -17.07 -21.18 -24.08
CA TYR B 612 -16.65 -19.92 -23.52
C TYR B 612 -17.14 -18.76 -24.37
N LEU B 613 -17.86 -17.84 -23.74
CA LEU B 613 -18.30 -16.59 -24.40
C LEU B 613 -17.80 -15.40 -23.61
N GLU B 614 -17.02 -14.54 -24.28
CA GLU B 614 -16.45 -13.36 -23.65
C GLU B 614 -17.49 -12.26 -23.47
N VAL B 615 -17.68 -11.82 -22.23
CA VAL B 615 -18.68 -10.79 -21.90
C VAL B 615 -18.16 -9.40 -22.28
N PRO B 616 -18.77 -8.76 -23.30
CA PRO B 616 -18.24 -7.49 -23.82
C PRO B 616 -18.45 -6.31 -22.87
#